data_3ZXU
#
_entry.id   3ZXU
#
_cell.length_a   239.036
_cell.length_b   239.036
_cell.length_c   179.487
_cell.angle_alpha   90.00
_cell.angle_beta   90.00
_cell.angle_gamma   120.00
#
_symmetry.space_group_name_H-M   'P 62 2 2'
#
loop_
_entity.id
_entity.type
_entity.pdbx_description
1 polymer MCM21
2 polymer CTF19
3 non-polymer 'CALCIUM ION'
4 water water
#
loop_
_entity_poly.entity_id
_entity_poly.type
_entity_poly.pdbx_seq_one_letter_code
_entity_poly.pdbx_strand_id
1 'polypeptide(L)'
;SNAMEETEAVQQDIEALEREIQTIKIQIANAHSGASKDEVKIPDAYKQFLSENINFSNLMRKDENTTLSINLSPRKPGTT
TGQIQGIDSSIRSNFGVSSGHNEVAGFKSITDFVQWENSVRLIGVSLFPVNYDNIEFMGIRLELFDELSLKYDPPFYVIL
KPSVKRLGIWELFKHNLPKYINIHQHWQLITKDTDTSDSNIMKFANLCYKDLLKVHSRVQFFRKLEGNYVNDKQYSLLHI
DNMGLNVSFRLGADIIKIKVDDGDDEIIDCTFNGEKNISLLGSIYGITNRFQSIIM
;
A,C
2 'polypeptide(L)'
;MDFTSSSGVLDSERNTGSNDSDEPSSHSDVIETEELKLIKLQEHKNNLLRQRSELLDQLSQTRVVEPRSVQLDDKLLLKL
LRRNDNAVSDSSQSSNNPLPRVLPSLNIEQRKKYLDITLNDVTVTCEKDMILLRKGSFTASFRIAVENESIRSMAIDLNA
FEVELQPIIQYAEDTQNVNVAMMAVVQFLRIKELHEQMISKIVEASKFIRASNNTITLNDLEVSFHCYWNLPSPYPETLI
LTNKVQKILDFLIYQYGIQLGVIKYGSTII
;
B,D
#
loop_
_chem_comp.id
_chem_comp.type
_chem_comp.name
_chem_comp.formula
CA non-polymer 'CALCIUM ION' 'Ca 2'
#
# COMPACT_ATOMS: atom_id res chain seq x y z
N LYS A 47 -24.68 -5.58 -9.10
CA LYS A 47 -24.18 -4.30 -8.58
C LYS A 47 -23.48 -3.49 -9.66
N GLN A 48 -23.77 -3.79 -10.92
CA GLN A 48 -23.05 -3.20 -12.05
C GLN A 48 -23.69 -1.95 -12.69
N PHE A 49 -24.67 -1.37 -12.01
CA PHE A 49 -25.23 -0.07 -12.43
C PHE A 49 -24.17 1.07 -12.48
N LEU A 50 -22.97 0.85 -11.95
CA LEU A 50 -21.88 1.82 -12.10
C LEU A 50 -21.11 1.62 -13.39
N SER A 51 -21.00 2.70 -14.16
CA SER A 51 -20.31 2.64 -15.45
C SER A 51 -19.05 3.47 -15.36
N GLU A 52 -18.08 3.14 -16.21
CA GLU A 52 -16.78 3.78 -16.15
C GLU A 52 -16.79 5.19 -16.71
N ASN A 53 -17.41 5.32 -17.88
CA ASN A 53 -17.67 6.62 -18.48
C ASN A 53 -18.79 7.28 -17.69
N ILE A 54 -18.94 8.59 -17.80
CA ILE A 54 -19.98 9.22 -16.99
C ILE A 54 -21.18 9.46 -17.91
N ASN A 55 -21.81 8.38 -18.36
CA ASN A 55 -22.88 8.51 -19.35
C ASN A 55 -24.17 9.04 -18.71
N PHE A 56 -24.86 9.90 -19.46
CA PHE A 56 -25.87 10.80 -18.89
C PHE A 56 -27.09 10.17 -18.26
N SER A 57 -27.41 8.93 -18.62
CA SER A 57 -28.66 8.31 -18.18
C SER A 57 -28.66 8.06 -16.66
N ASN A 58 -27.48 7.77 -16.11
CA ASN A 58 -27.34 7.39 -14.69
C ASN A 58 -27.78 8.46 -13.72
N LEU A 59 -28.03 9.65 -14.26
CA LEU A 59 -28.27 10.82 -13.45
C LEU A 59 -29.75 11.17 -13.21
N MET A 60 -30.66 10.40 -13.81
CA MET A 60 -32.02 10.92 -13.96
C MET A 60 -33.15 10.23 -13.18
N ARG A 61 -33.58 9.07 -13.66
CA ARG A 61 -34.99 8.73 -13.62
C ARG A 61 -35.53 8.40 -12.24
N LYS A 62 -35.15 7.24 -11.71
CA LYS A 62 -35.69 6.77 -10.44
C LYS A 62 -34.59 6.03 -9.70
N ASN A 102 -30.42 -1.94 3.90
CA ASN A 102 -30.21 -1.58 2.50
C ASN A 102 -29.28 -0.36 2.31
N GLU A 103 -28.94 0.31 3.40
CA GLU A 103 -28.18 1.56 3.33
C GLU A 103 -26.86 1.33 2.61
N VAL A 104 -26.64 2.05 1.52
CA VAL A 104 -25.38 2.00 0.79
C VAL A 104 -24.82 3.40 0.83
N ALA A 105 -23.70 3.60 1.51
CA ALA A 105 -23.12 4.94 1.63
C ALA A 105 -23.82 5.79 2.66
N GLY A 106 -24.85 5.23 3.30
CA GLY A 106 -25.74 5.99 4.14
C GLY A 106 -26.93 6.46 3.32
N PHE A 107 -26.81 6.37 2.00
CA PHE A 107 -27.88 6.76 1.08
C PHE A 107 -28.99 5.72 1.05
N LYS A 108 -30.03 6.02 0.28
CA LYS A 108 -31.18 5.14 0.13
C LYS A 108 -30.79 3.77 -0.44
N SER A 109 -30.31 3.78 -1.69
CA SER A 109 -30.06 2.56 -2.43
C SER A 109 -28.98 2.80 -3.48
N ILE A 110 -28.37 1.73 -3.95
CA ILE A 110 -27.27 1.79 -4.91
C ILE A 110 -27.61 2.66 -6.14
N THR A 111 -28.88 2.74 -6.49
CA THR A 111 -29.30 3.63 -7.57
C THR A 111 -29.14 5.09 -7.20
N ASP A 112 -29.64 5.44 -6.02
CA ASP A 112 -29.67 6.83 -5.57
C ASP A 112 -28.28 7.29 -5.11
N PHE A 113 -27.35 6.36 -5.00
CA PHE A 113 -25.94 6.70 -4.85
C PHE A 113 -25.31 7.05 -6.19
N VAL A 114 -25.64 6.29 -7.22
CA VAL A 114 -25.06 6.49 -8.54
C VAL A 114 -25.64 7.74 -9.20
N GLN A 115 -26.78 8.21 -8.71
CA GLN A 115 -27.33 9.47 -9.20
C GLN A 115 -26.49 10.59 -8.60
N TRP A 116 -26.12 10.45 -7.33
CA TRP A 116 -25.29 11.43 -6.67
C TRP A 116 -23.87 11.41 -7.17
N GLU A 117 -23.37 10.25 -7.60
CA GLU A 117 -21.98 10.13 -7.98
C GLU A 117 -21.80 10.64 -9.39
N ASN A 118 -22.82 10.43 -10.21
CA ASN A 118 -22.71 10.86 -11.58
C ASN A 118 -22.93 12.37 -11.59
N SER A 119 -23.68 12.87 -10.61
CA SER A 119 -23.87 14.32 -10.46
C SER A 119 -22.55 15.04 -10.20
N VAL A 120 -21.95 14.78 -9.04
CA VAL A 120 -20.66 15.31 -8.65
C VAL A 120 -19.59 15.25 -9.74
N ARG A 121 -19.51 14.09 -10.38
CA ARG A 121 -18.45 13.78 -11.30
C ARG A 121 -18.48 14.74 -12.50
N LEU A 122 -19.66 15.31 -12.76
CA LEU A 122 -19.89 16.25 -13.86
C LEU A 122 -18.92 17.41 -13.90
N ILE A 123 -18.46 17.81 -12.71
CA ILE A 123 -17.56 18.94 -12.58
C ILE A 123 -16.32 18.71 -13.43
N GLY A 124 -16.10 17.45 -13.81
CA GLY A 124 -15.05 17.13 -14.75
C GLY A 124 -13.83 16.60 -14.04
N VAL A 125 -13.70 16.94 -12.76
CA VAL A 125 -12.59 16.49 -11.94
C VAL A 125 -13.20 15.67 -10.81
N SER A 126 -12.56 14.56 -10.45
CA SER A 126 -13.13 13.67 -9.45
C SER A 126 -12.06 12.89 -8.66
N LEU A 127 -12.28 12.61 -7.37
CA LEU A 127 -11.42 11.64 -6.66
C LEU A 127 -12.14 10.34 -6.33
N PHE A 128 -11.48 9.25 -6.68
CA PHE A 128 -12.05 7.93 -6.51
C PHE A 128 -10.91 6.95 -6.18
N PRO A 129 -11.17 6.00 -5.27
CA PRO A 129 -10.32 4.90 -4.81
C PRO A 129 -10.17 3.71 -5.78
N VAL A 130 -8.94 3.28 -5.99
CA VAL A 130 -8.68 1.95 -6.50
C VAL A 130 -8.37 1.09 -5.29
N ASN A 131 -9.26 0.17 -4.93
CA ASN A 131 -9.09 -0.61 -3.69
C ASN A 131 -8.71 -2.08 -3.90
N TYR A 132 -7.73 -2.52 -3.14
CA TYR A 132 -7.27 -3.91 -3.16
C TYR A 132 -7.29 -4.35 -1.70
N ASP A 133 -7.14 -5.64 -1.44
CA ASP A 133 -7.19 -6.13 -0.07
C ASP A 133 -6.08 -5.54 0.81
N ASN A 134 -4.85 -5.49 0.29
CA ASN A 134 -3.72 -4.93 1.04
C ASN A 134 -3.28 -3.51 0.67
N ILE A 135 -3.95 -2.86 -0.26
CA ILE A 135 -3.59 -1.49 -0.58
C ILE A 135 -4.73 -0.71 -1.22
N GLU A 136 -4.63 0.61 -1.18
CA GLU A 136 -5.57 1.47 -1.85
C GLU A 136 -4.86 2.62 -2.58
N PHE A 137 -4.91 2.63 -3.90
CA PHE A 137 -4.39 3.72 -4.72
C PHE A 137 -5.40 4.85 -4.79
N MET A 138 -4.95 6.07 -5.07
CA MET A 138 -5.87 7.17 -5.31
C MET A 138 -5.83 7.66 -6.73
N GLY A 139 -6.95 7.46 -7.40
CA GLY A 139 -7.18 7.93 -8.75
C GLY A 139 -7.77 9.32 -8.90
N ILE A 140 -7.51 9.92 -10.05
CA ILE A 140 -7.99 11.23 -10.36
C ILE A 140 -8.71 11.16 -11.69
N ARG A 141 -10.03 11.30 -11.66
CA ARG A 141 -10.84 11.41 -12.85
C ARG A 141 -10.75 12.79 -13.53
N LEU A 142 -10.33 12.82 -14.79
CA LEU A 142 -10.36 14.01 -15.61
C LEU A 142 -11.24 13.76 -16.82
N GLU A 143 -12.43 14.37 -16.85
CA GLU A 143 -13.41 14.17 -17.94
C GLU A 143 -13.84 15.48 -18.63
N LEU A 144 -13.76 15.52 -19.94
CA LEU A 144 -14.18 16.70 -20.70
C LEU A 144 -15.60 16.53 -21.19
N PHE A 145 -16.36 17.60 -21.23
CA PHE A 145 -17.64 17.58 -21.93
C PHE A 145 -17.43 18.13 -23.33
N ASP A 146 -17.85 17.33 -24.29
CA ASP A 146 -17.72 17.63 -25.71
C ASP A 146 -19.08 18.15 -26.16
N GLU A 147 -19.14 19.30 -26.83
CA GLU A 147 -20.39 19.64 -27.49
C GLU A 147 -20.21 19.47 -28.98
N LEU A 148 -20.48 18.27 -29.46
CA LEU A 148 -20.72 18.01 -30.87
C LEU A 148 -21.87 17.03 -30.91
N SER A 149 -21.56 15.81 -30.48
CA SER A 149 -22.54 14.95 -29.85
C SER A 149 -22.37 15.40 -28.44
N LEU A 150 -23.44 15.58 -27.68
CA LEU A 150 -23.30 16.07 -26.32
C LEU A 150 -23.20 14.88 -25.38
N LYS A 151 -22.01 14.67 -24.85
CA LYS A 151 -21.67 13.54 -24.01
C LYS A 151 -20.28 13.86 -23.50
N TYR A 152 -19.86 13.19 -22.44
CA TYR A 152 -18.47 13.33 -22.04
C TYR A 152 -17.56 12.37 -22.80
N ASP A 153 -16.35 12.83 -23.08
CA ASP A 153 -15.26 11.98 -23.53
C ASP A 153 -14.87 10.98 -22.42
N PRO A 154 -14.13 9.92 -22.81
CA PRO A 154 -13.81 8.93 -21.76
C PRO A 154 -12.97 9.56 -20.69
N PRO A 155 -13.27 9.23 -19.44
CA PRO A 155 -12.38 9.60 -18.33
C PRO A 155 -10.90 9.27 -18.55
N PHE A 156 -10.06 10.27 -18.26
CA PHE A 156 -8.63 10.08 -18.14
C PHE A 156 -8.30 9.84 -16.68
N TYR A 157 -7.35 8.96 -16.43
CA TYR A 157 -6.96 8.70 -15.06
C TYR A 157 -5.50 9.10 -14.80
N VAL A 158 -5.26 9.67 -13.63
CA VAL A 158 -3.91 9.81 -13.09
C VAL A 158 -3.97 9.15 -11.74
N ILE A 159 -3.00 8.29 -11.45
CA ILE A 159 -3.05 7.42 -10.27
C ILE A 159 -1.84 7.52 -9.34
N LEU A 160 -2.09 7.51 -8.04
CA LEU A 160 -1.09 7.89 -7.05
C LEU A 160 -0.89 6.74 -6.07
N LYS A 161 0.36 6.29 -5.91
CA LYS A 161 0.64 5.17 -5.01
C LYS A 161 0.99 5.67 -3.60
N PRO A 162 0.49 4.97 -2.56
CA PRO A 162 0.89 5.23 -1.17
C PRO A 162 2.38 5.04 -1.05
N SER A 163 3.08 5.99 -0.45
CA SER A 163 4.52 6.00 -0.62
C SER A 163 5.27 5.11 0.35
N VAL A 164 6.57 5.04 0.11
CA VAL A 164 7.49 4.42 1.02
C VAL A 164 8.75 5.28 1.01
N LYS A 165 9.58 5.15 2.03
CA LYS A 165 10.77 5.99 2.23
C LYS A 165 10.44 7.47 2.55
N ARG A 166 9.26 7.96 2.19
CA ARG A 166 8.63 9.11 2.86
C ARG A 166 7.24 8.61 3.18
N LEU A 167 6.99 8.31 4.45
CA LEU A 167 6.09 7.20 4.80
C LEU A 167 4.55 7.36 4.60
N GLY A 168 3.97 8.47 5.06
CA GLY A 168 2.53 8.67 4.93
C GLY A 168 2.01 9.53 3.78
N ILE A 169 2.78 9.69 2.71
CA ILE A 169 2.40 10.61 1.61
C ILE A 169 2.21 9.85 0.29
N TRP A 170 1.49 10.47 -0.67
CA TRP A 170 1.36 9.89 -2.01
C TRP A 170 2.56 10.24 -2.95
N GLU A 171 2.76 9.37 -3.94
CA GLU A 171 3.75 9.59 -5.01
C GLU A 171 3.08 9.23 -6.34
N LEU A 172 3.62 9.76 -7.44
CA LEU A 172 3.04 9.54 -8.76
C LEU A 172 3.26 8.14 -9.30
N PHE A 173 2.24 7.57 -9.93
CA PHE A 173 2.29 6.17 -10.35
C PHE A 173 2.11 5.91 -11.86
N LYS A 174 0.88 5.89 -12.36
CA LYS A 174 0.66 5.61 -13.78
C LYS A 174 -0.29 6.65 -14.30
N HIS A 175 0.08 7.30 -15.40
CA HIS A 175 -0.78 8.35 -15.92
C HIS A 175 -0.95 8.16 -17.36
N ASN A 176 -2.19 8.21 -17.82
CA ASN A 176 -2.43 8.39 -19.22
C ASN A 176 -2.99 9.78 -19.37
N LEU A 177 -2.15 10.67 -19.86
CA LEU A 177 -2.58 12.01 -20.19
C LEU A 177 -1.76 12.36 -21.37
N PRO A 178 -2.29 13.28 -22.16
CA PRO A 178 -1.57 13.71 -23.36
C PRO A 178 -0.16 14.11 -22.96
N LYS A 179 0.75 14.08 -23.92
CA LYS A 179 2.13 14.42 -23.67
C LYS A 179 2.34 15.95 -23.62
N TYR A 180 1.30 16.72 -23.97
CA TYR A 180 1.36 18.19 -23.91
C TYR A 180 1.12 18.75 -22.53
N ILE A 181 0.38 18.00 -21.72
CA ILE A 181 0.17 18.38 -20.33
C ILE A 181 1.45 18.10 -19.58
N ASN A 182 2.04 19.12 -18.95
CA ASN A 182 3.25 18.81 -18.21
C ASN A 182 2.80 18.42 -16.82
N ILE A 183 2.84 17.12 -16.59
CA ILE A 183 2.25 16.49 -15.42
C ILE A 183 3.18 16.61 -14.25
N HIS A 184 4.46 16.38 -14.53
CA HIS A 184 5.47 16.31 -13.49
C HIS A 184 5.83 17.71 -13.00
N GLN A 185 5.88 18.68 -13.91
CA GLN A 185 6.19 20.03 -13.51
C GLN A 185 5.10 20.57 -12.57
N HIS A 186 3.88 20.06 -12.70
CA HIS A 186 2.76 20.45 -11.81
C HIS A 186 2.79 19.79 -10.43
N TRP A 187 3.24 18.56 -10.37
CA TRP A 187 3.42 17.88 -9.12
C TRP A 187 4.41 18.64 -8.24
N GLN A 188 5.54 19.05 -8.79
CA GLN A 188 6.60 19.68 -8.04
C GLN A 188 6.20 21.10 -7.64
N LEU A 189 5.45 21.75 -8.52
CA LEU A 189 5.02 23.13 -8.31
C LEU A 189 4.14 23.21 -7.06
N ILE A 190 3.41 22.13 -6.80
CA ILE A 190 2.46 22.07 -5.69
C ILE A 190 3.02 21.41 -4.44
N THR A 191 3.27 20.10 -4.53
CA THR A 191 3.72 19.33 -3.38
C THR A 191 5.23 19.42 -3.07
N LYS A 192 6.03 19.84 -4.05
CA LYS A 192 7.48 19.91 -3.89
C LYS A 192 7.98 18.52 -3.47
N ASP A 193 7.08 17.55 -3.67
CA ASP A 193 7.23 16.15 -3.26
C ASP A 193 7.16 15.92 -1.75
N THR A 194 7.27 17.01 -0.98
CA THR A 194 7.27 16.95 0.48
C THR A 194 5.86 16.64 1.01
N ASP A 195 4.90 17.56 0.83
CA ASP A 195 3.58 17.37 1.46
C ASP A 195 2.48 17.08 0.45
N THR A 196 2.00 15.85 0.48
CA THR A 196 0.90 15.47 -0.37
C THR A 196 -0.38 15.36 0.41
N SER A 197 -1.24 16.34 0.25
CA SER A 197 -2.38 16.48 1.13
C SER A 197 -3.64 16.64 0.31
N ASP A 198 -4.73 16.07 0.79
CA ASP A 198 -5.99 16.11 0.06
C ASP A 198 -6.22 17.55 -0.44
N SER A 199 -5.88 18.52 0.41
CA SER A 199 -5.95 19.93 0.02
C SER A 199 -5.07 20.26 -1.18
N ASN A 200 -3.83 19.76 -1.15
CA ASN A 200 -2.85 19.99 -2.22
C ASN A 200 -3.05 19.15 -3.47
N ILE A 201 -3.72 18.00 -3.33
CA ILE A 201 -3.98 17.14 -4.48
C ILE A 201 -5.17 17.67 -5.29
N MET A 202 -6.09 18.34 -4.62
CA MET A 202 -7.16 18.95 -5.37
C MET A 202 -6.58 20.06 -6.19
N LYS A 203 -5.64 20.79 -5.62
CA LYS A 203 -4.95 21.82 -6.37
C LYS A 203 -4.13 21.23 -7.54
N PHE A 204 -3.65 19.99 -7.39
CA PHE A 204 -2.92 19.29 -8.45
C PHE A 204 -3.72 18.95 -9.70
N ALA A 205 -4.85 18.25 -9.55
CA ALA A 205 -5.74 18.04 -10.68
C ALA A 205 -6.12 19.37 -11.32
N ASN A 206 -6.77 20.24 -10.57
CA ASN A 206 -7.26 21.51 -11.11
C ASN A 206 -6.23 22.19 -12.01
N LEU A 207 -4.94 21.96 -11.75
CA LEU A 207 -3.89 22.46 -12.63
C LEU A 207 -3.74 21.65 -13.92
N CYS A 208 -3.84 20.33 -13.82
CA CYS A 208 -3.79 19.48 -14.99
C CYS A 208 -5.05 19.70 -15.83
N TYR A 209 -6.20 19.44 -15.20
CA TYR A 209 -7.47 19.67 -15.83
C TYR A 209 -7.52 21.02 -16.52
N LYS A 210 -6.96 22.05 -15.91
CA LYS A 210 -7.01 23.37 -16.56
C LYS A 210 -6.25 23.38 -17.90
N ASP A 211 -5.02 22.85 -17.88
CA ASP A 211 -4.19 22.77 -19.08
C ASP A 211 -4.85 21.88 -20.13
N LEU A 212 -5.74 21.00 -19.67
CA LEU A 212 -6.44 20.07 -20.55
C LEU A 212 -7.61 20.76 -21.27
N LEU A 213 -8.23 21.75 -20.62
CA LEU A 213 -9.35 22.50 -21.20
C LEU A 213 -8.93 23.70 -21.99
N LYS A 214 -7.68 24.11 -21.90
CA LYS A 214 -7.23 25.19 -22.77
C LYS A 214 -7.08 24.56 -24.12
N VAL A 215 -6.60 23.31 -24.12
CA VAL A 215 -6.31 22.63 -25.37
C VAL A 215 -7.58 22.16 -26.04
N HIS A 216 -8.46 21.56 -25.26
CA HIS A 216 -9.67 20.96 -25.81
C HIS A 216 -10.56 22.12 -26.24
N SER A 217 -10.89 23.00 -25.30
CA SER A 217 -11.73 24.12 -25.64
C SER A 217 -11.19 24.84 -26.88
N ARG A 218 -9.87 24.88 -27.05
CA ARG A 218 -9.28 25.59 -28.21
C ARG A 218 -9.40 24.82 -29.54
N VAL A 219 -9.44 23.49 -29.49
CA VAL A 219 -9.60 22.71 -30.70
C VAL A 219 -11.05 22.77 -31.08
N GLN A 220 -11.88 22.27 -30.18
CA GLN A 220 -13.32 22.29 -30.32
C GLN A 220 -13.93 23.58 -30.92
N PHE A 221 -13.43 24.77 -30.58
CA PHE A 221 -13.96 26.00 -31.17
C PHE A 221 -13.90 25.96 -32.70
N PHE A 222 -12.92 25.26 -33.25
CA PHE A 222 -12.82 25.11 -34.69
C PHE A 222 -13.73 24.01 -35.24
N ARG A 223 -14.12 23.06 -34.41
CA ARG A 223 -15.04 22.02 -34.85
C ARG A 223 -16.45 22.61 -34.92
N LYS A 224 -16.80 23.41 -33.91
CA LYS A 224 -18.14 24.02 -33.80
C LYS A 224 -18.55 24.91 -34.97
N LEU A 225 -17.58 25.35 -35.76
CA LEU A 225 -17.88 26.29 -36.82
C LEU A 225 -18.27 25.55 -38.08
N GLU A 226 -18.09 24.24 -38.10
CA GLU A 226 -18.42 23.46 -39.28
C GLU A 226 -19.87 23.73 -39.72
N GLY A 227 -20.04 24.09 -40.99
CA GLY A 227 -21.34 24.35 -41.57
C GLY A 227 -21.80 25.79 -41.43
N ASN A 228 -21.27 26.51 -40.43
CA ASN A 228 -21.59 27.92 -40.21
C ASN A 228 -21.07 28.79 -41.36
N TYR A 229 -21.90 29.72 -41.82
CA TYR A 229 -21.47 30.76 -42.73
C TYR A 229 -20.79 31.86 -41.94
N VAL A 230 -19.99 32.68 -42.61
CA VAL A 230 -19.65 34.02 -42.13
C VAL A 230 -19.53 34.90 -43.35
N ASN A 231 -20.01 36.13 -43.24
CA ASN A 231 -20.12 36.99 -44.43
C ASN A 231 -20.83 36.25 -45.58
N ASP A 232 -21.79 35.38 -45.24
CA ASP A 232 -22.50 34.58 -46.21
C ASP A 232 -21.57 33.76 -47.12
N LYS A 233 -20.49 33.27 -46.52
CA LYS A 233 -19.58 32.31 -47.14
C LYS A 233 -19.38 31.15 -46.15
N GLN A 234 -19.61 29.91 -46.57
CA GLN A 234 -19.55 28.78 -45.64
C GLN A 234 -18.15 28.55 -45.06
N TYR A 235 -18.09 27.97 -43.86
CA TYR A 235 -16.83 27.51 -43.27
C TYR A 235 -16.85 26.00 -43.11
N SER A 236 -15.86 25.37 -43.72
CA SER A 236 -15.59 23.97 -43.50
C SER A 236 -14.19 23.95 -42.90
N LEU A 237 -13.88 22.92 -42.13
CA LEU A 237 -12.55 22.77 -41.58
C LEU A 237 -11.80 21.68 -42.36
N LEU A 238 -10.55 21.98 -42.70
CA LEU A 238 -9.68 21.10 -43.47
C LEU A 238 -8.82 20.23 -42.57
N HIS A 239 -7.94 20.84 -41.80
CA HIS A 239 -7.09 20.09 -40.89
C HIS A 239 -6.69 20.83 -39.63
N ILE A 240 -6.57 20.08 -38.53
CA ILE A 240 -6.08 20.63 -37.28
C ILE A 240 -5.24 19.57 -36.59
N ASP A 241 -4.13 19.98 -35.96
CA ASP A 241 -3.20 19.04 -35.35
C ASP A 241 -3.59 18.69 -33.92
N ASN A 242 -2.85 17.77 -33.29
CA ASN A 242 -3.28 17.13 -32.04
C ASN A 242 -3.89 18.15 -31.09
N MET A 243 -3.06 19.13 -30.72
CA MET A 243 -3.42 20.09 -29.68
C MET A 243 -3.93 21.39 -30.24
N GLY A 244 -3.92 21.50 -31.57
CA GLY A 244 -4.52 22.64 -32.25
C GLY A 244 -3.80 23.97 -32.13
N LEU A 245 -2.49 23.96 -32.34
CA LEU A 245 -1.82 25.22 -32.61
C LEU A 245 -1.88 25.58 -34.08
N ASN A 246 -1.88 24.56 -34.93
CA ASN A 246 -1.85 24.77 -36.38
C ASN A 246 -3.13 24.31 -37.05
N VAL A 247 -3.72 25.20 -37.85
CA VAL A 247 -5.00 24.91 -38.49
C VAL A 247 -5.12 25.42 -39.91
N SER A 248 -5.92 24.71 -40.68
CA SER A 248 -6.26 25.10 -42.02
C SER A 248 -7.76 24.89 -42.17
N PHE A 249 -8.50 25.95 -42.49
CA PHE A 249 -9.90 25.85 -42.90
C PHE A 249 -10.11 26.53 -44.25
N ARG A 250 -11.22 26.20 -44.91
CA ARG A 250 -11.67 26.98 -46.05
C ARG A 250 -12.81 27.87 -45.59
N LEU A 251 -12.80 29.12 -46.01
CA LEU A 251 -13.97 29.94 -45.83
C LEU A 251 -14.51 30.27 -47.22
N GLY A 252 -15.58 29.57 -47.62
CA GLY A 252 -16.23 29.90 -48.87
C GLY A 252 -15.26 30.04 -50.03
N ALA A 253 -14.43 29.02 -50.24
CA ALA A 253 -13.54 28.94 -51.39
C ALA A 253 -12.13 29.56 -51.27
N ASP A 254 -11.78 30.20 -50.15
CA ASP A 254 -10.36 30.55 -49.91
C ASP A 254 -9.77 29.91 -48.61
N ILE A 255 -8.52 29.45 -48.66
CA ILE A 255 -7.89 28.68 -47.56
C ILE A 255 -7.09 29.50 -46.55
N ILE A 256 -7.60 29.65 -45.34
CA ILE A 256 -6.85 30.37 -44.34
C ILE A 256 -6.07 29.42 -43.41
N LYS A 257 -4.78 29.66 -43.26
CA LYS A 257 -3.94 28.89 -42.36
C LYS A 257 -3.56 29.79 -41.18
N ILE A 258 -3.24 29.16 -40.06
CA ILE A 258 -3.16 29.88 -38.80
C ILE A 258 -2.10 29.19 -37.97
N LYS A 259 -1.48 29.90 -37.03
CA LYS A 259 -0.64 29.28 -36.02
C LYS A 259 -0.85 29.97 -34.67
N VAL A 260 -0.96 29.19 -33.60
CA VAL A 260 -1.33 29.73 -32.28
C VAL A 260 -0.25 29.53 -31.20
N ASP A 261 -0.29 30.38 -30.17
CA ASP A 261 0.69 30.33 -29.07
C ASP A 261 -0.02 30.28 -27.71
N ASP A 262 0.09 29.16 -26.98
CA ASP A 262 -0.50 29.06 -25.64
C ASP A 262 0.27 30.02 -24.75
N GLY A 263 -0.32 30.42 -23.62
CA GLY A 263 -1.72 30.15 -23.31
C GLY A 263 -2.46 31.41 -23.65
N ASP A 264 -1.80 32.23 -24.46
CA ASP A 264 -2.37 33.46 -24.98
C ASP A 264 -3.57 33.13 -25.87
N ASP A 265 -3.53 31.96 -26.49
CA ASP A 265 -4.53 31.59 -27.48
C ASP A 265 -4.56 32.74 -28.47
N GLU A 266 -3.35 33.17 -28.84
CA GLU A 266 -3.18 34.30 -29.74
C GLU A 266 -2.78 33.73 -31.08
N ILE A 267 -3.20 34.38 -32.15
CA ILE A 267 -2.75 33.94 -33.46
C ILE A 267 -1.49 34.70 -33.84
N ILE A 268 -0.38 33.99 -33.91
CA ILE A 268 0.91 34.57 -34.24
C ILE A 268 1.19 34.69 -35.76
N ASP A 269 0.63 33.79 -36.57
CA ASP A 269 0.81 33.83 -38.03
C ASP A 269 -0.48 33.49 -38.80
N CYS A 270 -0.66 34.13 -39.96
CA CYS A 270 -1.73 33.72 -40.85
C CYS A 270 -1.40 33.87 -42.34
N THR A 271 -1.80 32.85 -43.11
CA THR A 271 -1.62 32.76 -44.56
C THR A 271 -2.97 32.81 -45.29
N PHE A 272 -3.29 33.91 -45.96
CA PHE A 272 -4.56 33.98 -46.66
C PHE A 272 -4.37 33.62 -48.12
N ASN A 273 -4.91 32.47 -48.52
CA ASN A 273 -4.75 31.97 -49.87
C ASN A 273 -3.28 31.92 -50.22
N GLY A 274 -2.42 31.90 -49.20
CA GLY A 274 -1.00 31.71 -49.42
C GLY A 274 -0.09 32.91 -49.18
N GLU A 275 -0.65 34.08 -48.95
CA GLU A 275 0.19 35.25 -48.71
C GLU A 275 -0.06 35.83 -47.32
N LYS A 276 0.93 36.55 -46.80
CA LYS A 276 0.95 36.91 -45.37
C LYS A 276 -0.25 37.77 -45.01
N ASN A 277 -0.81 37.53 -43.83
CA ASN A 277 -2.02 38.26 -43.39
C ASN A 277 -2.04 38.72 -41.91
N ILE A 278 -2.10 40.04 -41.70
CA ILE A 278 -2.15 40.65 -40.37
C ILE A 278 -3.58 40.80 -39.83
N SER A 279 -4.57 40.66 -40.73
CA SER A 279 -5.98 40.97 -40.42
C SER A 279 -6.60 40.09 -39.34
N LEU A 280 -6.50 38.79 -39.54
CA LEU A 280 -7.16 37.84 -38.68
C LEU A 280 -6.37 37.67 -37.35
N LEU A 281 -5.15 38.18 -37.38
CA LEU A 281 -4.12 37.92 -36.37
C LEU A 281 -4.55 38.08 -34.90
N GLY A 282 -5.45 38.99 -34.59
CA GLY A 282 -5.62 39.42 -33.21
C GLY A 282 -5.72 38.35 -32.12
N SER A 283 -6.67 37.41 -32.22
CA SER A 283 -6.85 36.41 -31.16
C SER A 283 -7.66 35.23 -31.63
N ILE A 284 -7.65 34.15 -30.84
CA ILE A 284 -8.31 32.91 -31.24
C ILE A 284 -9.85 32.95 -31.17
N TYR A 285 -10.46 33.85 -30.40
CA TYR A 285 -11.94 33.87 -30.34
C TYR A 285 -12.55 35.13 -30.92
N GLY A 286 -12.54 36.21 -30.14
CA GLY A 286 -13.28 37.39 -30.51
C GLY A 286 -12.96 37.78 -31.93
N ILE A 287 -11.70 37.66 -32.29
CA ILE A 287 -11.19 38.20 -33.54
C ILE A 287 -11.45 37.32 -34.76
N THR A 288 -11.68 36.03 -34.55
CA THR A 288 -11.92 35.12 -35.68
C THR A 288 -13.42 34.89 -36.02
N ASN A 289 -14.29 35.70 -35.44
CA ASN A 289 -15.58 35.91 -36.07
C ASN A 289 -15.73 37.38 -36.35
N ARG A 290 -15.72 38.18 -35.27
CA ARG A 290 -15.99 39.62 -35.32
C ARG A 290 -15.02 40.37 -36.26
N PHE A 291 -13.75 39.96 -36.31
CA PHE A 291 -12.76 40.61 -37.20
C PHE A 291 -12.66 39.97 -38.59
N GLN A 292 -13.25 38.79 -38.77
CA GLN A 292 -13.37 38.26 -40.13
C GLN A 292 -14.32 39.11 -41.03
N SER A 293 -15.32 39.74 -40.43
CA SER A 293 -16.20 40.60 -41.21
C SER A 293 -15.59 41.98 -41.49
N ILE A 294 -14.87 42.54 -40.50
CA ILE A 294 -14.35 43.91 -40.55
C ILE A 294 -13.49 44.26 -41.77
N ILE A 295 -12.27 43.74 -41.87
CA ILE A 295 -11.48 43.96 -43.07
C ILE A 295 -11.51 42.66 -43.84
N MET A 296 -10.66 41.74 -43.44
CA MET A 296 -10.72 40.39 -43.94
C MET A 296 -9.78 39.53 -43.14
N SER B 69 -17.52 -6.87 -1.83
CA SER B 69 -16.74 -7.96 -2.42
C SER B 69 -17.05 -8.09 -3.91
N VAL B 70 -17.37 -6.95 -4.51
CA VAL B 70 -17.75 -6.91 -5.92
C VAL B 70 -16.54 -6.62 -6.83
N GLN B 71 -16.38 -7.45 -7.88
CA GLN B 71 -15.32 -7.26 -8.87
C GLN B 71 -15.75 -6.37 -10.04
N LEU B 72 -15.13 -5.20 -10.15
CA LEU B 72 -15.59 -4.21 -11.09
C LEU B 72 -15.07 -4.33 -12.49
N ASP B 73 -16.00 -4.14 -13.43
CA ASP B 73 -15.63 -3.94 -14.80
C ASP B 73 -15.58 -2.44 -14.95
N ASP B 74 -14.36 -1.93 -15.04
CA ASP B 74 -14.11 -0.52 -15.26
C ASP B 74 -13.64 -0.45 -16.70
N LYS B 75 -12.54 -1.14 -16.96
CA LYS B 75 -12.15 -1.54 -18.33
C LYS B 75 -11.28 -0.55 -19.09
N LEU B 76 -11.12 0.65 -18.55
CA LEU B 76 -10.06 1.59 -18.98
C LEU B 76 -8.99 1.46 -17.93
N LEU B 77 -9.41 1.73 -16.70
CA LEU B 77 -8.53 1.61 -15.55
C LEU B 77 -7.87 0.23 -15.51
N LEU B 78 -8.63 -0.81 -15.81
CA LEU B 78 -8.05 -2.16 -15.88
C LEU B 78 -7.05 -2.30 -17.04
N LYS B 79 -7.27 -1.58 -18.15
CA LYS B 79 -6.28 -1.54 -19.24
C LYS B 79 -5.06 -0.66 -18.89
N LEU B 80 -5.22 0.25 -17.92
CA LEU B 80 -4.09 1.06 -17.44
C LEU B 80 -3.19 0.38 -16.40
N LEU B 81 -3.81 -0.31 -15.46
CA LEU B 81 -3.04 -0.96 -14.42
C LEU B 81 -2.20 -2.06 -15.04
N ARG B 82 -2.61 -2.52 -16.22
CA ARG B 82 -1.82 -3.47 -17.02
C ARG B 82 -0.72 -2.83 -17.88
N ARG B 83 -1.03 -1.68 -18.49
CA ARG B 83 -0.17 -1.05 -19.49
C ARG B 83 1.25 -0.80 -18.93
N ASN B 84 1.36 0.08 -17.95
CA ASN B 84 2.67 0.53 -17.49
C ASN B 84 3.42 -0.60 -16.74
N ASP B 85 2.70 -1.63 -16.32
CA ASP B 85 3.34 -2.86 -15.88
C ASP B 85 4.06 -3.41 -17.12
N ASN B 86 3.36 -3.33 -18.25
CA ASN B 86 3.88 -3.75 -19.57
C ASN B 86 4.79 -2.74 -20.29
N ALA B 87 4.62 -1.44 -20.04
CA ALA B 87 5.41 -0.42 -20.77
C ALA B 87 6.81 -0.23 -20.18
N VAL B 88 6.96 -0.52 -18.90
CA VAL B 88 8.28 -0.50 -18.28
C VAL B 88 9.03 -1.81 -18.57
N SER B 89 8.28 -2.85 -18.94
CA SER B 89 8.86 -4.14 -19.30
C SER B 89 9.26 -4.18 -20.77
N ASP B 90 8.79 -3.21 -21.55
CA ASP B 90 9.27 -3.01 -22.91
C ASP B 90 10.77 -2.75 -22.84
N SER B 91 11.23 -2.37 -21.66
CA SER B 91 12.66 -2.16 -21.41
C SER B 91 13.48 -3.41 -21.69
N SER B 92 12.82 -4.56 -21.86
CA SER B 92 13.48 -5.77 -22.35
C SER B 92 12.49 -6.65 -23.10
N ASN B 97 7.09 -11.07 -17.77
CA ASN B 97 5.82 -11.57 -17.26
C ASN B 97 5.20 -10.71 -16.15
N PRO B 98 5.00 -9.40 -16.41
CA PRO B 98 4.22 -8.52 -15.52
C PRO B 98 2.73 -8.29 -15.86
N LEU B 99 1.85 -9.26 -15.66
CA LEU B 99 0.41 -9.05 -15.84
C LEU B 99 -0.31 -9.34 -14.52
N PRO B 100 -1.31 -8.50 -14.17
CA PRO B 100 -1.95 -8.59 -12.85
C PRO B 100 -2.72 -9.89 -12.53
N ARG B 101 -3.62 -10.33 -13.40
CA ARG B 101 -4.46 -11.51 -13.11
C ARG B 101 -5.42 -11.35 -11.93
N VAL B 102 -5.37 -10.18 -11.28
CA VAL B 102 -6.26 -9.84 -10.17
C VAL B 102 -6.98 -8.51 -10.37
N LEU B 103 -8.25 -8.48 -9.98
CA LEU B 103 -9.05 -7.30 -10.22
C LEU B 103 -9.28 -6.65 -8.87
N PRO B 104 -9.43 -5.32 -8.84
CA PRO B 104 -9.64 -4.66 -7.55
C PRO B 104 -11.02 -4.92 -6.92
N SER B 105 -11.09 -4.75 -5.61
CA SER B 105 -12.34 -4.73 -4.87
C SER B 105 -13.07 -3.40 -5.12
N LEU B 106 -14.37 -3.35 -4.83
CA LEU B 106 -15.14 -2.10 -4.83
C LEU B 106 -15.79 -2.01 -3.48
N ASN B 107 -15.63 -0.88 -2.81
CA ASN B 107 -16.42 -0.69 -1.62
C ASN B 107 -16.96 0.73 -1.60
N ILE B 108 -18.28 0.85 -1.65
CA ILE B 108 -18.87 2.15 -1.84
C ILE B 108 -18.39 3.05 -0.74
N GLU B 109 -18.15 2.51 0.45
CA GLU B 109 -17.73 3.33 1.57
C GLU B 109 -16.59 4.26 1.17
N GLN B 110 -15.40 3.73 0.90
CA GLN B 110 -14.29 4.59 0.56
C GLN B 110 -14.61 5.43 -0.65
N ARG B 111 -15.28 4.84 -1.64
CA ARG B 111 -15.53 5.56 -2.90
C ARG B 111 -16.25 6.87 -2.65
N LYS B 112 -17.09 6.88 -1.62
CA LYS B 112 -17.90 8.03 -1.27
C LYS B 112 -17.01 9.03 -0.52
N LYS B 113 -16.17 8.54 0.39
CA LYS B 113 -15.29 9.38 1.20
C LYS B 113 -14.33 10.11 0.27
N TYR B 114 -14.10 9.58 -0.92
CA TYR B 114 -13.22 10.21 -1.89
C TYR B 114 -13.96 11.30 -2.64
N LEU B 115 -15.21 11.01 -3.00
CA LEU B 115 -16.06 11.96 -3.71
C LEU B 115 -16.41 13.08 -2.74
N ASP B 116 -16.22 12.82 -1.45
CA ASP B 116 -16.50 13.83 -0.44
C ASP B 116 -15.35 14.82 -0.44
N ILE B 117 -14.11 14.33 -0.38
CA ILE B 117 -12.97 15.24 -0.17
C ILE B 117 -12.64 15.97 -1.47
N THR B 118 -13.24 15.52 -2.55
CA THR B 118 -13.16 16.27 -3.80
C THR B 118 -14.14 17.46 -3.81
N LEU B 119 -15.34 17.28 -3.26
CA LEU B 119 -16.29 18.39 -3.15
C LEU B 119 -15.97 19.26 -1.95
N ASN B 120 -14.95 18.92 -1.17
CA ASN B 120 -14.84 19.42 0.20
C ASN B 120 -15.08 20.90 0.19
N ASP B 121 -15.82 21.39 1.18
CA ASP B 121 -16.23 22.79 1.22
C ASP B 121 -17.60 23.03 0.53
N VAL B 122 -18.12 22.04 -0.18
CA VAL B 122 -19.43 22.20 -0.84
C VAL B 122 -20.20 20.89 -1.08
N THR B 123 -21.51 20.93 -0.85
CA THR B 123 -22.40 19.78 -1.02
C THR B 123 -23.09 19.70 -2.38
N VAL B 124 -23.23 18.48 -2.88
CA VAL B 124 -24.06 18.23 -4.05
C VAL B 124 -25.25 17.43 -3.55
N THR B 125 -26.41 17.68 -4.13
CA THR B 125 -27.60 16.99 -3.69
C THR B 125 -28.53 16.91 -4.89
N CYS B 126 -29.59 16.11 -4.80
CA CYS B 126 -30.58 16.05 -5.89
C CYS B 126 -32.02 16.01 -5.39
N GLU B 127 -32.81 16.98 -5.85
CA GLU B 127 -34.27 16.79 -5.90
C GLU B 127 -34.63 16.79 -7.37
N LYS B 128 -34.98 15.61 -7.88
CA LYS B 128 -35.13 15.40 -9.32
C LYS B 128 -36.05 16.50 -9.84
N ASP B 129 -35.85 16.96 -11.08
CA ASP B 129 -34.75 16.54 -11.97
C ASP B 129 -33.50 17.38 -11.73
N MET B 130 -33.70 18.48 -11.01
CA MET B 130 -32.61 19.40 -10.73
C MET B 130 -31.67 18.84 -9.69
N ILE B 131 -30.46 19.37 -9.70
CA ILE B 131 -29.40 18.88 -8.85
C ILE B 131 -28.70 20.11 -8.28
N LEU B 132 -28.73 20.23 -6.96
CA LEU B 132 -28.25 21.44 -6.33
C LEU B 132 -26.81 21.36 -5.84
N LEU B 133 -26.09 22.44 -6.10
CA LEU B 133 -24.75 22.64 -5.63
C LEU B 133 -24.87 23.73 -4.60
N ARG B 134 -24.32 23.54 -3.41
CA ARG B 134 -24.57 24.47 -2.33
C ARG B 134 -23.33 24.61 -1.46
N LYS B 135 -22.80 25.82 -1.35
CA LYS B 135 -21.93 26.19 -0.23
C LYS B 135 -22.78 27.14 0.62
N GLY B 136 -22.56 27.21 1.93
CA GLY B 136 -23.62 27.65 2.81
C GLY B 136 -24.38 28.87 2.33
N SER B 137 -25.71 28.74 2.34
CA SER B 137 -26.66 29.80 1.95
C SER B 137 -26.49 30.32 0.51
N PHE B 138 -25.83 29.54 -0.34
CA PHE B 138 -25.71 29.83 -1.76
C PHE B 138 -26.16 28.60 -2.52
N THR B 139 -27.05 28.78 -3.50
CA THR B 139 -27.63 27.66 -4.21
C THR B 139 -27.51 27.83 -5.73
N ALA B 140 -26.66 27.05 -6.38
CA ALA B 140 -26.68 26.98 -7.84
C ALA B 140 -27.42 25.74 -8.32
N SER B 141 -28.67 25.96 -8.72
CA SER B 141 -29.58 24.91 -9.16
C SER B 141 -29.49 24.65 -10.65
N PHE B 142 -29.05 23.45 -11.01
CA PHE B 142 -28.97 23.04 -12.40
C PHE B 142 -30.05 22.03 -12.73
N ARG B 143 -31.05 22.49 -13.49
CA ARG B 143 -32.04 21.59 -14.04
C ARG B 143 -31.57 21.12 -15.41
N ILE B 144 -31.54 19.80 -15.62
CA ILE B 144 -31.00 19.25 -16.86
C ILE B 144 -31.92 18.20 -17.46
N ALA B 145 -32.03 18.25 -18.79
CA ALA B 145 -32.86 17.33 -19.56
C ALA B 145 -31.99 16.50 -20.51
N VAL B 146 -32.20 15.18 -20.46
CA VAL B 146 -31.44 14.25 -21.27
C VAL B 146 -32.36 13.36 -22.10
N GLU B 147 -32.16 13.40 -23.42
CA GLU B 147 -32.82 12.48 -24.36
C GLU B 147 -31.77 11.51 -24.87
N ASN B 148 -31.95 10.24 -24.52
CA ASN B 148 -30.84 9.30 -24.47
C ASN B 148 -29.99 9.31 -25.73
N GLU B 149 -28.67 9.24 -25.58
CA GLU B 149 -27.96 9.32 -24.29
C GLU B 149 -27.46 10.73 -24.09
N SER B 150 -27.88 11.61 -25.00
CA SER B 150 -27.28 12.94 -25.11
C SER B 150 -28.08 14.02 -24.37
N ILE B 151 -27.37 14.91 -23.68
CA ILE B 151 -28.01 16.10 -23.10
C ILE B 151 -28.64 16.93 -24.21
N ARG B 152 -29.69 17.67 -23.87
CA ARG B 152 -30.33 18.57 -24.81
C ARG B 152 -30.42 19.97 -24.23
N SER B 153 -31.13 20.08 -23.11
CA SER B 153 -31.47 21.37 -22.53
C SER B 153 -30.92 21.53 -21.12
N MET B 154 -30.14 22.60 -20.91
CA MET B 154 -29.68 22.97 -19.58
C MET B 154 -30.15 24.36 -19.23
N ALA B 155 -30.44 24.53 -17.94
CA ALA B 155 -30.94 25.79 -17.40
C ALA B 155 -30.39 25.99 -16.00
N ILE B 156 -30.42 27.23 -15.51
CA ILE B 156 -29.71 27.57 -14.27
C ILE B 156 -30.36 28.71 -13.46
N ASP B 157 -30.18 28.64 -12.14
CA ASP B 157 -30.58 29.74 -11.26
C ASP B 157 -29.57 29.86 -10.13
N LEU B 158 -29.22 31.09 -9.74
CA LEU B 158 -28.30 31.34 -8.63
C LEU B 158 -28.94 32.30 -7.63
N ASN B 159 -28.23 32.59 -6.54
CA ASN B 159 -28.56 33.78 -5.74
C ASN B 159 -27.34 34.66 -5.47
N ALA B 160 -27.55 35.95 -5.66
CA ALA B 160 -26.59 36.98 -5.30
C ALA B 160 -25.34 36.93 -6.15
N PHE B 161 -25.09 35.80 -6.79
CA PHE B 161 -23.88 35.66 -7.54
C PHE B 161 -24.08 35.81 -9.04
N GLU B 162 -25.30 36.11 -9.45
CA GLU B 162 -25.61 36.28 -10.85
C GLU B 162 -24.57 37.18 -11.56
N VAL B 163 -24.27 38.32 -10.96
CA VAL B 163 -23.39 39.30 -11.61
C VAL B 163 -21.93 38.85 -11.67
N GLU B 164 -21.39 38.41 -10.54
CA GLU B 164 -19.97 38.07 -10.45
C GLU B 164 -19.65 36.95 -11.44
N LEU B 165 -20.54 35.96 -11.48
CA LEU B 165 -20.40 34.79 -12.34
C LEU B 165 -20.97 34.96 -13.75
N GLN B 166 -21.77 36.00 -13.98
CA GLN B 166 -22.55 36.10 -15.23
C GLN B 166 -21.84 35.69 -16.51
N PRO B 167 -20.67 36.30 -16.81
CA PRO B 167 -20.00 36.09 -18.10
C PRO B 167 -19.72 34.60 -18.47
N ILE B 168 -19.20 33.82 -17.53
CA ILE B 168 -18.90 32.42 -17.79
C ILE B 168 -20.17 31.59 -18.01
N ILE B 169 -21.29 31.94 -17.36
CA ILE B 169 -22.50 31.15 -17.54
C ILE B 169 -23.29 31.67 -18.74
N GLN B 170 -22.97 32.87 -19.20
CA GLN B 170 -23.54 33.28 -20.45
C GLN B 170 -23.16 32.14 -21.37
N TYR B 171 -21.86 31.89 -21.45
CA TYR B 171 -21.34 30.80 -22.27
C TYR B 171 -21.96 29.45 -21.87
N ALA B 172 -21.80 29.03 -20.63
CA ALA B 172 -22.23 27.69 -20.23
C ALA B 172 -23.66 27.39 -20.73
N GLU B 173 -24.63 28.09 -20.16
CA GLU B 173 -26.05 27.85 -20.45
C GLU B 173 -26.37 28.06 -21.93
N ASP B 174 -25.49 28.80 -22.63
CA ASP B 174 -25.66 29.13 -24.07
C ASP B 174 -25.19 28.04 -25.04
N THR B 175 -24.20 27.24 -24.63
CA THR B 175 -23.78 26.02 -25.33
C THR B 175 -24.57 24.80 -24.83
N GLN B 176 -25.25 24.98 -23.70
CA GLN B 176 -25.77 23.87 -22.92
C GLN B 176 -24.58 22.99 -22.55
N ASN B 177 -23.49 23.66 -22.13
CA ASN B 177 -22.28 22.99 -21.66
C ASN B 177 -22.28 22.94 -20.15
N VAL B 178 -22.40 21.72 -19.63
CA VAL B 178 -22.68 21.51 -18.22
C VAL B 178 -21.43 21.62 -17.36
N ASN B 179 -20.43 20.77 -17.58
CA ASN B 179 -19.28 20.78 -16.69
C ASN B 179 -18.63 22.17 -16.67
N VAL B 180 -18.71 22.92 -17.76
CA VAL B 180 -18.13 24.26 -17.74
C VAL B 180 -18.88 25.08 -16.69
N ALA B 181 -20.20 24.95 -16.67
CA ALA B 181 -21.01 25.57 -15.61
C ALA B 181 -20.50 25.15 -14.23
N MET B 182 -20.68 23.89 -13.85
CA MET B 182 -20.23 23.42 -12.54
C MET B 182 -18.79 23.84 -12.20
N MET B 183 -17.79 23.26 -12.84
CA MET B 183 -16.39 23.56 -12.50
C MET B 183 -16.07 25.04 -12.34
N ALA B 184 -16.85 25.92 -12.99
CA ALA B 184 -16.69 27.38 -12.82
C ALA B 184 -17.34 27.94 -11.55
N VAL B 185 -18.48 27.36 -11.15
CA VAL B 185 -19.14 27.77 -9.92
C VAL B 185 -18.30 27.23 -8.76
N VAL B 186 -17.55 26.16 -8.99
CA VAL B 186 -16.77 25.57 -7.91
C VAL B 186 -15.56 26.45 -7.71
N GLN B 187 -14.91 26.80 -8.83
CA GLN B 187 -13.68 27.56 -8.76
C GLN B 187 -13.96 29.02 -8.49
N PHE B 188 -15.20 29.47 -8.60
CA PHE B 188 -15.54 30.83 -8.19
C PHE B 188 -15.64 30.90 -6.69
N LEU B 189 -16.27 29.90 -6.08
CA LEU B 189 -16.40 29.87 -4.64
C LEU B 189 -15.02 29.78 -4.03
N ARG B 190 -14.09 29.14 -4.75
CA ARG B 190 -12.73 28.94 -4.25
C ARG B 190 -11.87 30.20 -4.39
N ILE B 191 -12.14 30.99 -5.43
CA ILE B 191 -11.41 32.25 -5.62
C ILE B 191 -12.01 33.28 -4.68
N LYS B 192 -13.23 33.02 -4.21
CA LYS B 192 -13.91 33.94 -3.30
C LYS B 192 -13.44 33.69 -1.88
N GLU B 193 -13.12 32.44 -1.57
CA GLU B 193 -12.63 32.10 -0.24
C GLU B 193 -11.18 32.49 -0.17
N LEU B 194 -10.51 32.47 -1.32
CA LEU B 194 -9.10 32.81 -1.35
C LEU B 194 -8.96 34.32 -1.06
N HIS B 195 -9.78 35.13 -1.72
CA HIS B 195 -9.73 36.58 -1.56
C HIS B 195 -10.13 36.99 -0.16
N GLU B 196 -11.07 36.26 0.43
CA GLU B 196 -11.62 36.65 1.72
C GLU B 196 -10.61 36.38 2.82
N GLN B 197 -9.79 35.35 2.62
CA GLN B 197 -8.77 35.01 3.60
C GLN B 197 -7.46 35.72 3.25
N MET B 198 -7.41 36.28 2.05
CA MET B 198 -6.28 37.09 1.57
C MET B 198 -6.44 38.51 2.12
N ILE B 199 -7.69 38.92 2.26
CA ILE B 199 -8.02 40.27 2.68
C ILE B 199 -7.97 40.31 4.19
N SER B 200 -8.31 39.20 4.83
CA SER B 200 -8.14 39.08 6.26
C SER B 200 -6.66 39.21 6.59
N LYS B 201 -5.84 38.43 5.88
CA LYS B 201 -4.40 38.39 6.12
C LYS B 201 -3.75 39.78 5.91
N ILE B 202 -4.33 40.59 5.03
CA ILE B 202 -3.84 41.95 4.79
C ILE B 202 -4.27 42.97 5.87
N VAL B 203 -5.49 42.84 6.39
CA VAL B 203 -6.08 43.87 7.25
C VAL B 203 -5.50 43.81 8.65
N GLU B 204 -5.26 42.60 9.11
CA GLU B 204 -4.67 42.37 10.44
C GLU B 204 -3.15 42.50 10.37
N ALA B 205 -2.61 42.48 9.17
CA ALA B 205 -1.18 42.61 8.95
C ALA B 205 -0.74 44.04 8.65
N SER B 206 -1.66 45.00 8.70
CA SER B 206 -1.33 46.41 8.45
C SER B 206 -2.46 47.35 8.83
N LYS B 207 -2.32 48.63 8.50
CA LYS B 207 -3.41 49.54 8.73
C LYS B 207 -4.24 49.52 7.47
N PHE B 208 -5.41 48.88 7.57
CA PHE B 208 -6.36 48.78 6.47
C PHE B 208 -7.67 48.42 7.16
N ILE B 209 -8.78 48.60 6.44
CA ILE B 209 -10.10 48.26 6.95
C ILE B 209 -10.85 47.62 5.80
N ARG B 210 -12.02 47.06 6.07
CA ARG B 210 -12.77 46.35 5.04
C ARG B 210 -14.15 46.95 4.70
N ALA B 211 -14.51 46.95 3.41
CA ALA B 211 -15.89 47.10 2.97
C ALA B 211 -16.25 45.99 1.97
N SER B 212 -17.20 45.13 2.36
CA SER B 212 -17.60 43.89 1.67
C SER B 212 -16.51 42.81 1.42
N ASN B 213 -16.66 42.02 0.37
CA ASN B 213 -15.56 41.19 -0.08
C ASN B 213 -14.69 42.07 -0.95
N ASN B 214 -15.37 42.84 -1.82
CA ASN B 214 -14.69 43.55 -2.87
C ASN B 214 -13.53 44.36 -2.32
N THR B 215 -13.83 45.25 -1.38
CA THR B 215 -12.97 46.40 -1.18
C THR B 215 -12.35 46.47 0.22
N ILE B 216 -11.18 47.10 0.29
CA ILE B 216 -10.55 47.48 1.53
C ILE B 216 -10.23 48.95 1.36
N THR B 217 -9.98 49.67 2.44
CA THR B 217 -9.63 51.07 2.32
C THR B 217 -8.60 51.47 3.37
N LEU B 218 -7.68 52.33 2.94
CA LEU B 218 -6.80 53.03 3.86
C LEU B 218 -6.86 54.52 3.54
N ASN B 219 -7.44 55.31 4.44
CA ASN B 219 -7.54 56.74 4.18
C ASN B 219 -8.23 57.02 2.84
N ASP B 220 -7.49 57.61 1.90
CA ASP B 220 -8.05 58.04 0.64
C ASP B 220 -8.05 56.95 -0.43
N LEU B 221 -7.54 55.77 -0.07
CA LEU B 221 -7.22 54.69 -1.02
C LEU B 221 -8.21 53.51 -0.94
N GLU B 222 -8.63 53.01 -2.10
CA GLU B 222 -9.61 51.92 -2.19
C GLU B 222 -9.17 50.81 -3.13
N VAL B 223 -8.92 49.63 -2.57
CA VAL B 223 -8.44 48.49 -3.33
C VAL B 223 -9.50 47.37 -3.49
N SER B 224 -9.96 47.13 -4.72
CA SER B 224 -10.96 46.07 -4.98
C SER B 224 -10.39 44.70 -5.35
N PHE B 225 -11.08 43.64 -4.91
CA PHE B 225 -10.66 42.26 -5.17
C PHE B 225 -11.78 41.53 -5.87
N HIS B 226 -11.51 41.01 -7.06
CA HIS B 226 -12.52 40.23 -7.74
C HIS B 226 -12.06 39.64 -9.06
N CYS B 227 -12.80 38.64 -9.52
CA CYS B 227 -12.39 37.70 -10.56
C CYS B 227 -12.85 38.05 -11.97
N TYR B 228 -12.05 37.73 -12.97
CA TYR B 228 -12.46 37.87 -14.37
C TYR B 228 -12.25 36.54 -15.07
N TRP B 229 -12.82 36.40 -16.26
CA TRP B 229 -12.84 35.10 -16.97
C TRP B 229 -12.27 35.22 -18.38
N ASN B 230 -11.47 34.24 -18.81
CA ASN B 230 -11.09 34.21 -20.22
C ASN B 230 -12.11 33.32 -20.88
N LEU B 231 -13.09 33.92 -21.56
CA LEU B 231 -14.44 33.35 -21.57
C LEU B 231 -14.55 31.83 -21.78
N PRO B 232 -13.70 31.21 -22.63
CA PRO B 232 -13.93 29.77 -22.79
C PRO B 232 -13.80 28.93 -21.50
N SER B 233 -12.72 29.05 -20.74
CA SER B 233 -12.43 28.08 -19.68
C SER B 233 -12.89 28.52 -18.27
N PRO B 234 -13.57 27.62 -17.53
CA PRO B 234 -14.21 27.82 -16.22
C PRO B 234 -13.28 28.31 -15.12
N TYR B 235 -11.97 28.32 -15.33
CA TYR B 235 -11.04 28.78 -14.30
C TYR B 235 -10.83 30.29 -14.31
N PRO B 236 -11.35 30.98 -13.27
CA PRO B 236 -11.15 32.42 -13.10
C PRO B 236 -9.75 32.75 -12.63
N GLU B 237 -9.25 33.90 -13.07
CA GLU B 237 -7.95 34.41 -12.66
C GLU B 237 -8.28 35.66 -11.87
N THR B 238 -7.36 36.12 -11.04
CA THR B 238 -7.69 37.19 -10.11
C THR B 238 -7.36 38.56 -10.65
N LEU B 239 -8.18 39.52 -10.28
CA LEU B 239 -7.94 40.90 -10.66
C LEU B 239 -8.01 41.85 -9.46
N ILE B 240 -6.85 42.39 -9.11
CA ILE B 240 -6.72 43.33 -8.03
C ILE B 240 -6.63 44.73 -8.61
N LEU B 241 -7.69 45.50 -8.41
CA LEU B 241 -7.74 46.89 -8.82
C LEU B 241 -7.71 47.84 -7.64
N THR B 242 -7.66 49.13 -7.95
CA THR B 242 -7.74 50.19 -6.97
C THR B 242 -8.10 51.45 -7.72
N ASN B 243 -8.53 52.49 -7.02
CA ASN B 243 -8.51 53.80 -7.64
C ASN B 243 -7.05 54.03 -7.97
N LYS B 244 -6.78 54.87 -8.96
CA LYS B 244 -5.42 54.99 -9.50
C LYS B 244 -4.49 55.30 -8.30
N VAL B 245 -3.21 54.92 -8.37
CA VAL B 245 -2.53 54.47 -9.59
C VAL B 245 -2.62 52.97 -9.78
N GLN B 246 -2.68 52.54 -11.04
CA GLN B 246 -2.82 51.12 -11.29
C GLN B 246 -1.46 50.52 -11.58
N LYS B 247 -0.73 51.10 -12.53
CA LYS B 247 0.57 50.52 -12.96
C LYS B 247 1.36 50.06 -11.76
N ILE B 248 1.50 50.95 -10.77
CA ILE B 248 2.29 50.71 -9.55
C ILE B 248 1.83 49.49 -8.72
N LEU B 249 0.57 49.43 -8.30
CA LEU B 249 0.11 48.30 -7.49
C LEU B 249 0.35 47.00 -8.24
N ASP B 250 -0.21 46.91 -9.44
CA ASP B 250 -0.14 45.72 -10.30
C ASP B 250 1.26 45.12 -10.34
N PHE B 251 2.26 45.98 -10.37
CA PHE B 251 3.64 45.53 -10.39
C PHE B 251 4.17 45.14 -9.01
N LEU B 252 3.66 45.73 -7.95
CA LEU B 252 4.13 45.37 -6.62
C LEU B 252 3.48 44.07 -6.20
N ILE B 253 2.40 43.66 -6.87
CA ILE B 253 1.78 42.37 -6.57
C ILE B 253 2.57 41.31 -7.32
N TYR B 254 2.98 41.60 -8.56
CA TYR B 254 3.81 40.65 -9.28
C TYR B 254 5.15 40.41 -8.59
N GLN B 255 6.03 41.41 -8.61
CA GLN B 255 7.33 41.28 -7.96
C GLN B 255 7.23 40.84 -6.49
N TYR B 256 6.53 41.59 -5.63
CA TYR B 256 6.47 41.26 -4.19
C TYR B 256 5.27 40.34 -3.79
N GLY B 257 4.43 40.02 -4.76
CA GLY B 257 3.37 39.03 -4.52
C GLY B 257 2.15 39.62 -3.84
N ILE B 258 1.00 39.11 -4.22
CA ILE B 258 -0.30 39.74 -3.94
C ILE B 258 -0.53 40.31 -2.53
N GLN B 259 -0.04 39.68 -1.46
CA GLN B 259 -0.20 40.31 -0.15
C GLN B 259 0.85 41.36 0.17
N LEU B 260 2.12 41.04 -0.02
CA LEU B 260 3.22 41.90 0.46
C LEU B 260 3.36 43.11 -0.45
N GLY B 261 2.83 43.00 -1.66
CA GLY B 261 2.81 44.10 -2.61
C GLY B 261 1.71 45.10 -2.34
N VAL B 262 0.53 44.59 -1.98
CA VAL B 262 -0.63 45.42 -1.62
C VAL B 262 -0.50 45.94 -0.19
N ILE B 263 0.48 45.44 0.54
CA ILE B 263 0.86 46.07 1.79
C ILE B 263 1.81 47.23 1.46
N LYS B 264 2.72 47.00 0.52
CA LYS B 264 3.74 48.01 0.17
C LYS B 264 3.14 49.19 -0.57
N TYR B 265 2.02 48.96 -1.25
CA TYR B 265 1.36 49.97 -2.07
C TYR B 265 0.50 50.85 -1.18
N GLY B 266 0.36 50.43 0.08
CA GLY B 266 -0.28 51.22 1.10
C GLY B 266 0.75 51.90 1.99
N SER B 267 1.95 52.13 1.47
CA SER B 267 2.97 52.90 2.17
C SER B 267 3.51 54.03 1.30
N THR B 268 4.05 53.66 0.14
CA THR B 268 4.57 54.62 -0.81
C THR B 268 3.48 55.60 -1.22
N ILE B 269 2.42 55.06 -1.80
CA ILE B 269 1.31 55.87 -2.34
C ILE B 269 0.01 55.57 -1.60
N LYS C 47 -6.90 1.02 25.49
CA LYS C 47 -6.74 -0.11 24.58
C LYS C 47 -5.30 -0.62 24.56
N GLN C 48 -4.51 -0.23 25.55
CA GLN C 48 -3.06 -0.47 25.57
C GLN C 48 -2.60 -1.73 26.30
N PHE C 49 -3.53 -2.61 26.63
CA PHE C 49 -3.18 -3.93 27.19
C PHE C 49 -2.31 -4.79 26.25
N LEU C 50 -2.16 -4.40 24.98
CA LEU C 50 -1.26 -5.09 24.06
C LEU C 50 0.17 -4.55 24.17
N SER C 51 1.11 -5.46 24.39
CA SER C 51 2.51 -5.07 24.57
C SER C 51 3.30 -5.60 23.39
N GLU C 52 4.44 -4.97 23.11
CA GLU C 52 5.22 -5.34 21.92
C GLU C 52 6.00 -6.63 22.12
N ASN C 53 6.66 -6.73 23.26
CA ASN C 53 7.30 -7.96 23.67
C ASN C 53 6.20 -8.91 24.12
N ILE C 54 6.52 -10.19 24.16
CA ILE C 54 5.54 -11.24 24.45
C ILE C 54 5.46 -11.54 25.94
N ASN C 55 5.55 -10.53 26.81
CA ASN C 55 5.74 -10.79 28.25
C ASN C 55 4.63 -11.65 28.89
N PHE C 56 5.05 -12.54 29.79
CA PHE C 56 4.26 -13.70 30.16
C PHE C 56 2.93 -13.43 30.86
N SER C 57 2.79 -12.26 31.47
CA SER C 57 1.62 -12.00 32.31
C SER C 57 0.33 -11.97 31.51
N ASN C 58 0.43 -11.50 30.26
CA ASN C 58 -0.74 -11.28 29.40
C ASN C 58 -1.52 -12.56 29.13
N LEU C 59 -0.95 -13.70 29.50
CA LEU C 59 -1.46 -14.98 29.10
C LEU C 59 -2.36 -15.65 30.14
N MET C 60 -2.54 -15.04 31.30
CA MET C 60 -3.01 -15.81 32.44
C MET C 60 -4.40 -15.49 33.00
N ARG C 61 -4.50 -14.39 33.74
CA ARG C 61 -5.37 -14.38 34.91
C ARG C 61 -6.86 -14.35 34.62
N LYS C 62 -7.37 -13.22 34.13
CA LYS C 62 -8.79 -13.04 33.92
C LYS C 62 -8.99 -12.17 32.69
N ASN C 102 -19.60 -5.15 22.78
CA ASN C 102 -18.22 -5.59 22.93
C ASN C 102 -17.70 -6.30 21.67
N GLU C 103 -17.67 -7.63 21.73
CA GLU C 103 -17.33 -8.49 20.58
C GLU C 103 -16.19 -7.97 19.69
N VAL C 104 -15.00 -8.02 20.26
CA VAL C 104 -13.75 -7.68 19.59
C VAL C 104 -13.12 -8.95 19.01
N ALA C 105 -12.94 -9.00 17.70
CA ALA C 105 -12.39 -10.19 17.02
C ALA C 105 -13.41 -11.30 16.93
N GLY C 106 -14.61 -11.06 17.46
CA GLY C 106 -15.58 -12.12 17.64
C GLY C 106 -15.44 -12.72 19.04
N PHE C 107 -14.31 -12.41 19.68
CA PHE C 107 -14.04 -12.90 21.02
C PHE C 107 -14.84 -12.14 22.07
N LYS C 108 -14.71 -12.56 23.33
CA LYS C 108 -15.41 -11.93 24.44
C LYS C 108 -15.05 -10.45 24.60
N SER C 109 -13.77 -10.19 24.89
CA SER C 109 -13.31 -8.85 25.22
C SER C 109 -11.83 -8.72 24.92
N ILE C 110 -11.37 -7.47 24.81
CA ILE C 110 -9.98 -7.18 24.43
C ILE C 110 -8.96 -7.92 25.31
N THR C 111 -9.33 -8.23 26.54
CA THR C 111 -8.46 -9.03 27.40
C THR C 111 -8.35 -10.46 26.89
N ASP C 112 -9.49 -11.08 26.60
CA ASP C 112 -9.55 -12.48 26.23
C ASP C 112 -9.07 -12.69 24.79
N PHE C 113 -8.88 -11.60 24.05
CA PHE C 113 -8.18 -11.65 22.77
C PHE C 113 -6.66 -11.67 22.98
N VAL C 114 -6.18 -10.86 23.92
CA VAL C 114 -4.75 -10.76 24.14
C VAL C 114 -4.23 -12.00 24.85
N GLN C 115 -5.13 -12.77 25.48
CA GLN C 115 -4.74 -14.05 26.06
C GLN C 115 -4.52 -15.02 24.91
N TRP C 116 -5.41 -14.98 23.93
CA TRP C 116 -5.28 -15.85 22.78
C TRP C 116 -4.08 -15.48 21.91
N GLU C 117 -3.75 -14.19 21.86
CA GLU C 117 -2.73 -13.71 20.94
C GLU C 117 -1.38 -13.96 21.54
N ASN C 118 -1.30 -13.87 22.86
CA ASN C 118 -0.03 -14.08 23.49
C ASN C 118 0.20 -15.59 23.51
N SER C 119 -0.88 -16.36 23.53
CA SER C 119 -0.76 -17.80 23.44
C SER C 119 -0.08 -18.25 22.14
N VAL C 120 -0.76 -18.03 21.02
CA VAL C 120 -0.27 -18.33 19.66
C VAL C 120 1.16 -17.87 19.40
N ARG C 121 1.45 -16.66 19.85
CA ARG C 121 2.69 -16.00 19.51
C ARG C 121 3.86 -16.77 20.13
N LEU C 122 3.57 -17.55 21.17
CA LEU C 122 4.57 -18.35 21.88
C LEU C 122 5.39 -19.25 20.97
N ILE C 123 4.75 -19.71 19.89
CA ILE C 123 5.38 -20.60 18.94
C ILE C 123 6.69 -19.99 18.46
N GLY C 124 6.83 -18.70 18.63
CA GLY C 124 8.09 -18.07 18.32
C GLY C 124 8.05 -17.42 16.96
N VAL C 125 7.13 -17.88 16.12
CA VAL C 125 6.93 -17.30 14.80
C VAL C 125 5.50 -16.80 14.71
N SER C 126 5.30 -15.64 14.11
CA SER C 126 3.97 -15.04 14.11
C SER C 126 3.72 -14.11 12.88
N LEU C 127 2.48 -14.08 12.37
CA LEU C 127 2.13 -13.06 11.37
C LEU C 127 1.17 -11.99 11.91
N PHE C 128 1.57 -10.74 11.69
CA PHE C 128 0.83 -9.60 12.18
C PHE C 128 0.95 -8.44 11.18
N PRO C 129 -0.16 -7.71 10.96
CA PRO C 129 -0.34 -6.53 10.12
C PRO C 129 0.25 -5.24 10.68
N VAL C 130 0.96 -4.52 9.85
CA VAL C 130 1.22 -3.10 10.08
C VAL C 130 0.21 -2.37 9.21
N ASN C 131 -0.78 -1.72 9.83
CA ASN C 131 -1.89 -1.09 9.08
C ASN C 131 -1.86 0.43 9.04
N TYR C 132 -2.06 0.98 7.85
CA TYR C 132 -2.11 2.42 7.63
C TYR C 132 -3.38 2.65 6.85
N ASP C 133 -3.83 3.90 6.73
CA ASP C 133 -5.09 4.16 6.07
C ASP C 133 -5.08 3.70 4.61
N ASN C 134 -4.01 3.99 3.90
CA ASN C 134 -3.91 3.61 2.48
C ASN C 134 -3.07 2.36 2.19
N ILE C 135 -2.49 1.73 3.20
CA ILE C 135 -1.71 0.53 2.91
C ILE C 135 -1.65 -0.38 4.13
N GLU C 136 -1.32 -1.65 3.89
CA GLU C 136 -1.06 -2.61 4.97
C GLU C 136 0.17 -3.49 4.71
N PHE C 137 1.24 -3.31 5.49
CA PHE C 137 2.43 -4.14 5.36
C PHE C 137 2.20 -5.46 6.08
N MET C 138 2.97 -6.48 5.73
CA MET C 138 2.93 -7.71 6.51
C MET C 138 4.23 -7.97 7.24
N GLY C 139 4.11 -7.98 8.57
CA GLY C 139 5.21 -8.29 9.47
C GLY C 139 5.34 -9.73 9.92
N ILE C 140 6.56 -10.08 10.27
CA ILE C 140 6.87 -11.42 10.70
C ILE C 140 7.56 -11.34 12.04
N ARG C 141 6.86 -11.79 13.08
CA ARG C 141 7.44 -11.88 14.41
C ARG C 141 8.35 -13.10 14.57
N LEU C 142 9.62 -12.84 14.90
CA LEU C 142 10.56 -13.90 15.29
C LEU C 142 11.04 -13.71 16.74
N GLU C 143 10.57 -14.55 17.67
CA GLU C 143 10.87 -14.41 19.10
C GLU C 143 11.50 -15.68 19.69
N LEU C 144 12.62 -15.53 20.38
CA LEU C 144 13.30 -16.65 21.02
C LEU C 144 12.91 -16.74 22.49
N PHE C 145 12.76 -17.95 23.01
CA PHE C 145 12.65 -18.11 24.45
C PHE C 145 14.04 -18.39 24.99
N ASP C 146 14.43 -17.57 25.96
CA ASP C 146 15.72 -17.66 26.63
C ASP C 146 15.48 -18.38 27.96
N GLU C 147 16.25 -19.44 28.25
CA GLU C 147 16.21 -19.96 29.61
C GLU C 147 17.51 -19.56 30.32
N LEU C 148 17.47 -18.39 30.95
CA LEU C 148 18.43 -17.97 31.97
C LEU C 148 17.62 -17.26 33.04
N SER C 149 17.16 -16.07 32.66
CA SER C 149 15.91 -15.54 33.19
C SER C 149 14.94 -16.13 32.21
N LEU C 150 13.81 -16.65 32.65
CA LEU C 150 12.89 -17.28 31.72
C LEU C 150 11.90 -16.24 31.24
N LYS C 151 12.11 -15.81 30.01
CA LYS C 151 11.32 -14.78 29.36
C LYS C 151 11.70 -14.88 27.90
N TYR C 152 10.90 -14.31 27.01
CA TYR C 152 11.34 -14.18 25.63
C TYR C 152 12.21 -12.95 25.42
N ASP C 153 13.19 -13.09 24.53
CA ASP C 153 13.93 -11.96 24.00
C ASP C 153 13.02 -11.06 23.16
N PRO C 154 13.49 -9.83 22.87
CA PRO C 154 12.58 -8.95 22.13
C PRO C 154 12.28 -9.54 20.76
N PRO C 155 11.03 -9.45 20.33
CA PRO C 155 10.68 -9.75 18.93
C PRO C 155 11.56 -9.08 17.88
N PHE C 156 12.00 -9.89 16.94
CA PHE C 156 12.63 -9.42 15.72
C PHE C 156 11.57 -9.33 14.65
N TYR C 157 11.64 -8.29 13.82
CA TYR C 157 10.66 -8.13 12.77
C TYR C 157 11.32 -8.24 11.38
N VAL C 158 10.60 -8.90 10.47
CA VAL C 158 10.92 -8.82 9.05
C VAL C 158 9.63 -8.37 8.40
N ILE C 159 9.71 -7.37 7.52
CA ILE C 159 8.51 -6.71 6.99
C ILE C 159 8.43 -6.67 5.48
N LEU C 160 7.23 -6.90 4.96
CA LEU C 160 7.05 -7.14 3.54
C LEU C 160 6.08 -6.11 2.96
N LYS C 161 6.52 -5.44 1.90
CA LYS C 161 5.68 -4.41 1.27
C LYS C 161 4.83 -5.04 0.14
N PRO C 162 3.55 -4.59 0.00
CA PRO C 162 2.68 -4.92 -1.14
C PRO C 162 3.29 -4.44 -2.42
N SER C 163 3.40 -5.30 -3.42
CA SER C 163 4.32 -4.97 -4.49
C SER C 163 3.71 -4.06 -5.54
N VAL C 164 4.55 -3.68 -6.49
CA VAL C 164 4.07 -3.07 -7.70
C VAL C 164 5.02 -3.57 -8.80
N LYS C 165 4.63 -3.41 -10.06
CA LYS C 165 5.31 -3.97 -11.24
C LYS C 165 5.19 -5.50 -11.30
N ARG C 166 4.95 -6.18 -10.16
CA ARG C 166 4.39 -7.53 -10.14
C ARG C 166 3.29 -7.37 -9.12
N LEU C 167 2.06 -7.32 -9.60
CA LEU C 167 1.03 -6.50 -8.95
C LEU C 167 0.41 -6.97 -7.61
N GLY C 168 -0.01 -8.22 -7.51
CA GLY C 168 -0.61 -8.71 -6.26
C GLY C 168 0.27 -9.47 -5.26
N ILE C 169 1.59 -9.30 -5.31
CA ILE C 169 2.49 -10.14 -4.49
C ILE C 169 3.27 -9.28 -3.51
N TRP C 170 3.82 -9.91 -2.46
CA TRP C 170 4.71 -9.20 -1.54
C TRP C 170 6.19 -9.14 -2.03
N GLU C 171 6.91 -8.12 -1.56
CA GLU C 171 8.35 -7.99 -1.77
C GLU C 171 8.99 -7.61 -0.43
N LEU C 172 10.29 -7.87 -0.31
CA LEU C 172 11.02 -7.62 0.95
C LEU C 172 11.25 -6.14 1.20
N PHE C 173 11.11 -5.73 2.46
CA PHE C 173 11.16 -4.31 2.80
C PHE C 173 12.22 -3.86 3.83
N LYS C 174 11.96 -4.07 5.11
CA LYS C 174 12.93 -3.69 6.12
C LYS C 174 13.09 -4.85 7.08
N HIS C 175 14.33 -5.26 7.32
CA HIS C 175 14.54 -6.40 8.21
C HIS C 175 15.60 -6.04 9.20
N ASN C 176 15.33 -6.29 10.48
CA ASN C 176 16.39 -6.30 11.44
C ASN C 176 16.54 -7.74 11.83
N LEU C 177 17.59 -8.35 11.31
CA LEU C 177 17.94 -9.70 11.70
C LEU C 177 19.41 -9.70 11.67
N PRO C 178 20.00 -10.61 12.43
CA PRO C 178 21.45 -10.72 12.48
C PRO C 178 21.99 -10.86 11.07
N LYS C 179 23.25 -10.50 10.88
CA LYS C 179 23.86 -10.55 9.57
C LYS C 179 24.31 -11.99 9.22
N TYR C 180 24.21 -12.91 10.18
CA TYR C 180 24.51 -14.33 9.95
C TYR C 180 23.36 -15.12 9.30
N ILE C 181 22.13 -14.65 9.51
CA ILE C 181 20.98 -15.25 8.87
C ILE C 181 21.00 -14.81 7.43
N ASN C 182 21.03 -15.74 6.48
CA ASN C 182 21.01 -15.28 5.10
C ASN C 182 19.54 -15.19 4.72
N ILE C 183 19.06 -13.95 4.69
CA ILE C 183 17.64 -13.63 4.58
C ILE C 183 17.21 -13.71 3.14
N HIS C 184 18.06 -13.17 2.27
CA HIS C 184 17.71 -13.03 0.88
C HIS C 184 17.83 -14.36 0.17
N GLN C 185 18.82 -15.16 0.55
CA GLN C 185 18.99 -16.46 -0.09
C GLN C 185 17.76 -17.33 0.21
N HIS C 186 17.10 -17.09 1.34
CA HIS C 186 15.89 -17.84 1.71
C HIS C 186 14.63 -17.39 0.96
N TRP C 187 14.52 -16.10 0.73
CA TRP C 187 13.43 -15.55 -0.06
C TRP C 187 13.40 -16.19 -1.44
N GLN C 188 14.56 -16.26 -2.09
CA GLN C 188 14.66 -16.76 -3.46
C GLN C 188 14.45 -18.27 -3.50
N LEU C 189 14.92 -18.95 -2.45
CA LEU C 189 14.84 -20.40 -2.37
C LEU C 189 13.37 -20.82 -2.37
N ILE C 190 12.52 -19.97 -1.80
CA ILE C 190 11.10 -20.28 -1.65
C ILE C 190 10.24 -19.68 -2.75
N THR C 191 10.15 -18.36 -2.76
CA THR C 191 9.27 -17.65 -3.68
C THR C 191 9.85 -17.47 -5.09
N LYS C 192 11.17 -17.56 -5.23
CA LYS C 192 11.81 -17.35 -6.55
C LYS C 192 11.49 -15.92 -7.00
N ASP C 193 10.85 -15.18 -6.08
CA ASP C 193 10.28 -13.84 -6.27
C ASP C 193 8.95 -13.85 -7.02
N THR C 194 8.64 -14.97 -7.67
CA THR C 194 7.44 -15.10 -8.50
C THR C 194 6.17 -15.18 -7.63
N ASP C 195 6.02 -16.25 -6.83
CA ASP C 195 4.78 -16.45 -6.09
C ASP C 195 4.92 -16.29 -4.58
N THR C 196 4.37 -15.20 -4.09
CA THR C 196 4.41 -14.93 -2.67
C THR C 196 3.06 -15.22 -2.07
N SER C 197 2.98 -16.33 -1.37
CA SER C 197 1.68 -16.82 -0.93
C SER C 197 1.73 -17.14 0.55
N ASP C 198 0.63 -16.88 1.24
CA ASP C 198 0.57 -17.10 2.68
C ASP C 198 1.19 -18.47 2.99
N SER C 199 0.90 -19.46 2.15
CA SER C 199 1.49 -20.78 2.28
C SER C 199 3.02 -20.74 2.21
N ASN C 200 3.53 -19.99 1.23
CA ASN C 200 4.98 -19.88 0.98
C ASN C 200 5.69 -18.96 1.97
N ILE C 201 4.97 -18.01 2.55
CA ILE C 201 5.59 -17.07 3.46
C ILE C 201 5.74 -17.74 4.83
N MET C 202 4.85 -18.67 5.14
CA MET C 202 5.03 -19.38 6.39
C MET C 202 6.27 -20.20 6.27
N LYS C 203 6.47 -20.79 5.11
CA LYS C 203 7.68 -21.55 4.85
C LYS C 203 8.93 -20.63 4.94
N PHE C 204 8.77 -19.36 4.57
CA PHE C 204 9.87 -18.39 4.62
C PHE C 204 10.39 -18.07 6.02
N ALA C 205 9.51 -17.66 6.93
CA ALA C 205 9.90 -17.46 8.31
C ALA C 205 10.53 -18.75 8.85
N ASN C 206 9.78 -19.85 8.83
CA ASN C 206 10.24 -21.10 9.43
C ASN C 206 11.68 -21.41 9.03
N LEU C 207 12.10 -20.93 7.85
CA LEU C 207 13.50 -21.07 7.42
C LEU C 207 14.43 -20.09 8.13
N CYS C 208 13.99 -18.85 8.28
CA CYS C 208 14.79 -17.86 9.00
C CYS C 208 14.85 -18.25 10.46
N TYR C 209 13.67 -18.35 11.07
CA TYR C 209 13.55 -18.74 12.47
C TYR C 209 14.40 -19.97 12.78
N LYS C 210 14.46 -20.94 11.86
CA LYS C 210 15.27 -22.13 12.13
C LYS C 210 16.75 -21.78 12.24
N ASP C 211 17.26 -21.00 11.28
CA ASP C 211 18.68 -20.60 11.29
C ASP C 211 18.98 -19.73 12.51
N LEU C 212 17.94 -19.14 13.08
CA LEU C 212 18.08 -18.28 14.23
C LEU C 212 18.24 -19.10 15.53
N LEU C 213 17.57 -20.26 15.57
CA LEU C 213 17.61 -21.16 16.73
C LEU C 213 18.75 -22.16 16.71
N LYS C 214 19.44 -22.27 15.59
CA LYS C 214 20.64 -23.10 15.56
C LYS C 214 21.69 -22.28 16.29
N VAL C 215 21.64 -20.98 16.04
CA VAL C 215 22.65 -20.09 16.59
C VAL C 215 22.40 -19.81 18.04
N HIS C 216 21.15 -19.49 18.37
CA HIS C 216 20.84 -19.11 19.74
C HIS C 216 20.98 -20.35 20.61
N SER C 217 20.26 -21.42 20.26
CA SER C 217 20.34 -22.66 21.01
C SER C 217 21.80 -23.10 21.17
N ARG C 218 22.66 -22.80 20.19
CA ARG C 218 24.06 -23.19 20.29
C ARG C 218 24.90 -22.31 21.23
N VAL C 219 24.54 -21.04 21.35
CA VAL C 219 25.27 -20.15 22.26
C VAL C 219 24.83 -20.50 23.65
N GLN C 220 23.54 -20.33 23.87
CA GLN C 220 22.88 -20.60 25.13
C GLN C 220 23.34 -21.91 25.85
N PHE C 221 23.61 -22.99 25.11
CA PHE C 221 24.10 -24.23 25.76
C PHE C 221 25.37 -23.97 26.57
N PHE C 222 26.19 -23.00 26.16
CA PHE C 222 27.38 -22.66 26.92
C PHE C 222 27.11 -21.68 28.05
N ARG C 223 25.99 -20.99 28.02
CA ARG C 223 25.59 -20.12 29.13
C ARG C 223 25.02 -20.97 30.25
N LYS C 224 24.21 -21.96 29.89
CA LYS C 224 23.55 -22.85 30.85
C LYS C 224 24.48 -23.67 31.77
N LEU C 225 25.75 -23.77 31.39
CA LEU C 225 26.70 -24.59 32.13
C LEU C 225 27.40 -23.79 33.21
N GLU C 226 27.17 -22.49 33.23
CA GLU C 226 27.78 -21.65 34.26
C GLU C 226 27.42 -22.17 35.66
N GLY C 227 28.45 -22.40 36.46
CA GLY C 227 28.28 -22.84 37.83
C GLY C 227 28.24 -24.36 37.97
N ASN C 228 27.88 -25.06 36.91
CA ASN C 228 27.86 -26.52 36.92
C ASN C 228 29.27 -27.07 37.05
N TYR C 229 29.42 -28.13 37.84
CA TYR C 229 30.65 -28.88 37.94
C TYR C 229 30.63 -29.92 36.80
N VAL C 230 31.79 -30.43 36.42
CA VAL C 230 31.88 -31.73 35.73
C VAL C 230 33.15 -32.42 36.23
N ASN C 231 33.09 -33.74 36.43
CA ASN C 231 34.19 -34.42 37.10
C ASN C 231 34.58 -33.71 38.41
N ASP C 232 33.59 -33.14 39.09
CA ASP C 232 33.82 -32.37 40.32
C ASP C 232 34.88 -31.28 40.15
N LYS C 233 34.84 -30.64 38.98
CA LYS C 233 35.59 -29.42 38.69
C LYS C 233 34.61 -28.39 38.09
N GLN C 234 34.57 -27.18 38.64
CA GLN C 234 33.57 -26.20 38.19
C GLN C 234 33.78 -25.75 36.75
N TYR C 235 32.70 -25.34 36.09
CA TYR C 235 32.78 -24.71 34.76
C TYR C 235 32.30 -23.27 34.84
N SER C 236 33.19 -22.37 34.45
CA SER C 236 32.82 -20.98 34.24
C SER C 236 33.07 -20.73 32.76
N LEU C 237 32.38 -19.76 32.18
CA LEU C 237 32.59 -19.42 30.80
C LEU C 237 33.38 -18.11 30.74
N LEU C 238 34.39 -18.08 29.87
CA LEU C 238 35.26 -16.94 29.69
C LEU C 238 34.78 -16.02 28.57
N HIS C 239 34.76 -16.52 27.34
CA HIS C 239 34.32 -15.71 26.22
C HIS C 239 33.66 -16.52 25.12
N ILE C 240 32.67 -15.92 24.48
CA ILE C 240 32.01 -16.53 23.34
C ILE C 240 31.64 -15.41 22.34
N ASP C 241 31.83 -15.65 21.04
CA ASP C 241 31.61 -14.61 20.03
C ASP C 241 30.14 -14.52 19.59
N ASN C 242 29.81 -13.56 18.73
CA ASN C 242 28.43 -13.20 18.45
C ASN C 242 27.57 -14.44 18.31
N MET C 243 27.93 -15.27 17.32
CA MET C 243 27.12 -16.42 16.91
C MET C 243 27.61 -17.73 17.51
N GLY C 244 28.72 -17.65 18.25
CA GLY C 244 29.22 -18.78 19.01
C GLY C 244 29.83 -19.91 18.21
N LEU C 245 30.67 -19.61 17.23
CA LEU C 245 31.51 -20.66 16.69
C LEU C 245 32.77 -20.82 17.54
N ASN C 246 33.23 -19.72 18.13
CA ASN C 246 34.48 -19.71 18.90
C ASN C 246 34.24 -19.45 20.38
N VAL C 247 34.79 -20.33 21.21
CA VAL C 247 34.57 -20.26 22.66
C VAL C 247 35.76 -20.60 23.53
N SER C 248 35.80 -19.97 24.69
CA SER C 248 36.82 -20.24 25.69
C SER C 248 36.11 -20.33 27.02
N PHE C 249 36.23 -21.47 27.68
CA PHE C 249 35.80 -21.64 29.07
C PHE C 249 36.93 -22.22 29.93
N ARG C 250 36.83 -22.01 31.23
CA ARG C 250 37.67 -22.72 32.19
C ARG C 250 36.88 -23.86 32.74
N LEU C 251 37.52 -25.03 32.83
CA LEU C 251 36.94 -26.11 33.61
C LEU C 251 37.87 -26.36 34.78
N GLY C 252 37.47 -25.87 35.96
CA GLY C 252 38.23 -26.14 37.16
C GLY C 252 39.71 -25.92 37.01
N ALA C 253 40.11 -24.73 36.57
CA ALA C 253 41.51 -24.33 36.49
C ALA C 253 42.32 -24.66 35.20
N ASP C 254 41.73 -25.33 34.21
CA ASP C 254 42.36 -25.36 32.87
C ASP C 254 41.44 -24.83 31.72
N ILE C 255 42.04 -24.11 30.78
CA ILE C 255 41.30 -23.39 29.74
C ILE C 255 41.08 -24.19 28.46
N ILE C 256 39.84 -24.54 28.18
CA ILE C 256 39.58 -25.18 26.90
C ILE C 256 39.04 -24.22 25.84
N LYS C 257 39.67 -24.19 24.67
CA LYS C 257 39.19 -23.38 23.56
C LYS C 257 38.64 -24.32 22.49
N ILE C 258 37.76 -23.80 21.66
CA ILE C 258 36.96 -24.65 20.81
C ILE C 258 36.70 -23.85 19.51
N LYS C 259 36.40 -24.53 18.42
CA LYS C 259 35.86 -23.88 17.23
C LYS C 259 34.80 -24.78 16.56
N VAL C 260 33.69 -24.18 16.14
CA VAL C 260 32.54 -24.94 15.61
C VAL C 260 32.20 -24.64 14.14
N ASP C 261 31.54 -25.60 13.49
CA ASP C 261 31.16 -25.50 12.09
C ASP C 261 29.67 -25.79 11.92
N ASP C 262 28.87 -24.78 11.55
CA ASP C 262 27.43 -25.01 11.28
C ASP C 262 27.32 -25.91 10.05
N GLY C 263 26.17 -26.56 9.85
CA GLY C 263 25.12 -26.63 10.83
C GLY C 263 25.30 -27.97 11.50
N ASP C 264 26.50 -28.51 11.34
CA ASP C 264 26.92 -29.75 11.97
C ASP C 264 26.95 -29.59 13.49
N ASP C 265 27.20 -28.36 13.93
CA ASP C 265 27.38 -28.08 15.36
C ASP C 265 28.45 -29.06 15.80
N GLU C 266 29.47 -29.18 14.97
CA GLU C 266 30.56 -30.11 15.21
C GLU C 266 31.74 -29.30 15.71
N ILE C 267 32.53 -29.86 16.60
CA ILE C 267 33.73 -29.16 17.02
C ILE C 267 34.89 -29.57 16.12
N ILE C 268 35.37 -28.62 15.33
CA ILE C 268 36.46 -28.87 14.39
C ILE C 268 37.88 -28.73 15.00
N ASP C 269 38.05 -27.89 16.01
CA ASP C 269 39.35 -27.70 16.69
C ASP C 269 39.21 -27.54 18.19
N CYS C 270 40.20 -28.04 18.92
CA CYS C 270 40.25 -27.75 20.35
C CYS C 270 41.66 -27.62 20.93
N THR C 271 41.84 -26.63 21.80
CA THR C 271 43.10 -26.33 22.47
C THR C 271 42.98 -26.57 23.99
N PHE C 272 43.63 -27.61 24.50
CA PHE C 272 43.56 -27.86 25.92
C PHE C 272 44.77 -27.29 26.65
N ASN C 273 44.55 -26.25 27.44
CA ASN C 273 45.63 -25.55 28.12
C ASN C 273 46.70 -25.15 27.12
N GLY C 274 46.31 -25.06 25.85
CA GLY C 274 47.19 -24.53 24.83
C GLY C 274 47.76 -25.53 23.83
N GLU C 275 47.53 -26.83 24.03
CA GLU C 275 48.04 -27.83 23.09
C GLU C 275 46.92 -28.65 22.44
N LYS C 276 47.18 -29.19 21.25
CA LYS C 276 46.11 -29.72 20.39
C LYS C 276 45.38 -30.84 21.09
N ASN C 277 44.06 -30.89 20.91
CA ASN C 277 43.25 -31.91 21.57
C ASN C 277 42.14 -32.56 20.73
N ILE C 278 42.25 -33.89 20.52
CA ILE C 278 41.26 -34.65 19.73
C ILE C 278 40.11 -35.19 20.59
N SER C 279 40.28 -35.14 21.92
CA SER C 279 39.39 -35.81 22.85
C SER C 279 37.98 -35.22 22.80
N LEU C 280 37.88 -33.90 22.99
CA LEU C 280 36.58 -33.24 23.15
C LEU C 280 35.86 -33.07 21.80
N LEU C 281 36.63 -33.28 20.75
CA LEU C 281 36.29 -32.95 19.37
C LEU C 281 34.90 -33.37 18.86
N GLY C 282 34.38 -34.50 19.34
CA GLY C 282 33.28 -35.13 18.64
C GLY C 282 32.10 -34.25 18.22
N SER C 283 31.47 -33.52 19.14
CA SER C 283 30.27 -32.74 18.81
C SER C 283 29.96 -31.70 19.85
N ILE C 284 29.07 -30.77 19.52
CA ILE C 284 28.77 -29.66 20.41
C ILE C 284 27.87 -30.02 21.58
N TYR C 285 27.04 -31.04 21.41
CA TYR C 285 26.21 -31.37 22.54
C TYR C 285 26.65 -32.67 23.19
N GLY C 286 26.26 -33.79 22.59
CA GLY C 286 26.40 -35.08 23.24
C GLY C 286 27.80 -35.27 23.78
N ILE C 287 28.76 -34.77 23.02
CA ILE C 287 30.15 -35.01 23.31
C ILE C 287 30.74 -34.12 24.39
N THR C 288 30.20 -32.91 24.59
CA THR C 288 30.84 -32.00 25.55
C THR C 288 30.26 -32.07 26.97
N ASN C 289 29.36 -33.02 27.18
CA ASN C 289 29.15 -33.52 28.52
C ASN C 289 29.62 -34.98 28.57
N ARG C 290 28.98 -35.85 27.81
CA ARG C 290 29.23 -37.28 27.91
C ARG C 290 30.70 -37.67 27.65
N PHE C 291 31.34 -37.02 26.69
CA PHE C 291 32.75 -37.33 26.39
C PHE C 291 33.68 -36.58 27.33
N GLN C 292 33.21 -35.44 27.82
CA GLN C 292 33.94 -34.66 28.81
C GLN C 292 34.46 -35.55 29.96
N SER C 293 33.63 -36.50 30.39
CA SER C 293 34.00 -37.44 31.46
C SER C 293 34.82 -38.64 30.98
N ILE C 294 34.59 -39.07 29.74
CA ILE C 294 35.45 -40.09 29.14
C ILE C 294 36.78 -39.32 29.09
N ILE C 295 37.92 -39.98 28.94
CA ILE C 295 39.15 -39.50 29.61
C ILE C 295 39.50 -38.00 29.63
N MET C 296 39.48 -37.24 28.53
CA MET C 296 39.87 -35.83 28.64
C MET C 296 39.18 -34.90 27.67
N SER D 69 -9.25 2.77 15.24
CA SER D 69 -8.65 4.09 15.06
C SER D 69 -7.65 4.35 16.18
N VAL D 70 -7.11 3.27 16.75
CA VAL D 70 -6.17 3.36 17.87
C VAL D 70 -4.71 3.41 17.44
N GLN D 71 -3.99 4.44 17.90
CA GLN D 71 -2.57 4.62 17.54
C GLN D 71 -1.68 3.81 18.48
N LEU D 72 -0.95 2.86 17.91
CA LEU D 72 -0.16 1.94 18.71
C LEU D 72 1.21 2.44 19.09
N ASP D 73 1.57 2.11 20.32
CA ASP D 73 2.94 2.19 20.72
C ASP D 73 3.46 0.77 20.65
N ASP D 74 4.26 0.53 19.62
CA ASP D 74 4.90 -0.75 19.40
C ASP D 74 6.36 -0.51 19.80
N LYS D 75 6.99 0.43 19.11
CA LYS D 75 8.22 1.09 19.58
C LYS D 75 9.53 0.41 19.19
N LEU D 76 9.45 -0.80 18.64
CA LEU D 76 10.56 -1.41 17.92
C LEU D 76 10.20 -1.21 16.46
N LEU D 77 9.04 -1.74 16.09
CA LEU D 77 8.54 -1.62 14.74
C LEU D 77 8.53 -0.16 14.30
N LEU D 78 8.16 0.75 15.20
CA LEU D 78 8.21 2.18 14.89
C LEU D 78 9.66 2.68 14.72
N LYS D 79 10.62 2.09 15.43
CA LYS D 79 12.04 2.40 15.20
C LYS D 79 12.59 1.75 13.93
N LEU D 80 11.92 0.71 13.44
CA LEU D 80 12.31 0.10 12.17
C LEU D 80 11.74 0.81 10.93
N LEU D 81 10.48 1.20 10.98
CA LEU D 81 9.87 1.84 9.84
C LEU D 81 10.57 3.17 9.59
N ARG D 82 11.23 3.69 10.62
CA ARG D 82 12.09 4.88 10.49
C ARG D 82 13.53 4.62 10.01
N ARG D 83 14.15 3.53 10.47
CA ARG D 83 15.58 3.35 10.22
C ARG D 83 15.90 3.23 8.72
N ASN D 84 15.33 2.25 8.02
CA ASN D 84 15.74 2.01 6.62
C ASN D 84 15.25 3.13 5.69
N ASP D 85 14.29 3.93 6.15
CA ASP D 85 13.98 5.20 5.50
C ASP D 85 15.24 6.05 5.64
N ASN D 86 15.83 5.99 6.84
CA ASN D 86 17.07 6.69 7.18
C ASN D 86 18.39 6.01 6.73
N ALA D 87 18.41 4.68 6.61
CA ALA D 87 19.64 3.96 6.27
C ALA D 87 19.93 3.97 4.78
N VAL D 88 18.88 4.11 3.96
CA VAL D 88 19.06 4.26 2.52
C VAL D 88 19.39 5.72 2.18
N SER D 89 19.06 6.63 3.10
CA SER D 89 19.36 8.05 2.94
C SER D 89 20.78 8.39 3.41
N ASP D 90 21.39 7.46 4.14
CA ASP D 90 22.81 7.56 4.49
C ASP D 90 23.64 7.48 3.21
N SER D 91 23.23 6.59 2.31
CA SER D 91 23.78 6.55 0.96
C SER D 91 22.65 6.40 -0.04
N SER D 92 22.36 7.44 -0.83
CA SER D 92 22.95 8.77 -0.70
C SER D 92 21.87 9.84 -0.79
N ASN D 96 17.58 14.68 2.41
CA ASN D 96 17.95 14.20 3.72
C ASN D 96 16.79 14.34 4.72
N ASN D 97 15.57 14.21 4.21
CA ASN D 97 14.38 14.34 5.04
C ASN D 97 13.34 13.21 4.86
N PRO D 98 13.76 11.94 5.05
CA PRO D 98 12.83 10.80 5.11
C PRO D 98 12.39 10.33 6.52
N LEU D 99 11.52 11.06 7.22
CA LEU D 99 10.98 10.59 8.49
C LEU D 99 9.45 10.52 8.37
N PRO D 100 8.84 9.46 8.92
CA PRO D 100 7.40 9.23 8.74
C PRO D 100 6.44 10.28 9.33
N ARG D 101 6.58 10.65 10.60
CA ARG D 101 5.64 11.57 11.24
C ARG D 101 4.20 11.02 11.37
N VAL D 102 3.96 9.82 10.87
CA VAL D 102 2.67 9.19 10.98
C VAL D 102 2.77 7.79 11.60
N LEU D 103 1.79 7.42 12.42
CA LEU D 103 1.82 6.14 13.08
C LEU D 103 0.74 5.28 12.49
N PRO D 104 0.95 3.96 12.48
CA PRO D 104 -0.05 3.09 11.85
C PRO D 104 -1.34 2.94 12.67
N SER D 105 -2.42 2.57 11.97
CA SER D 105 -3.67 2.20 12.60
C SER D 105 -3.52 0.80 13.23
N LEU D 106 -4.43 0.43 14.13
CA LEU D 106 -4.55 -0.95 14.63
C LEU D 106 -5.97 -1.36 14.43
N ASN D 107 -6.18 -2.48 13.79
CA ASN D 107 -7.54 -3.01 13.77
C ASN D 107 -7.55 -4.49 14.07
N ILE D 108 -8.14 -4.86 15.19
CA ILE D 108 -8.00 -6.22 15.65
C ILE D 108 -8.43 -7.19 14.55
N GLU D 109 -9.42 -6.77 13.75
CA GLU D 109 -9.92 -7.64 12.71
C GLU D 109 -8.77 -8.25 11.93
N GLN D 110 -8.05 -7.47 11.15
CA GLN D 110 -6.97 -8.01 10.32
C GLN D 110 -5.96 -8.69 11.21
N ARG D 111 -5.62 -8.11 12.35
CA ARG D 111 -4.57 -8.69 13.17
C ARG D 111 -4.84 -10.15 13.51
N LYS D 112 -6.13 -10.48 13.62
CA LYS D 112 -6.58 -11.81 13.99
C LYS D 112 -6.47 -12.69 12.75
N LYS D 113 -6.92 -12.16 11.61
CA LYS D 113 -6.94 -12.91 10.36
C LYS D 113 -5.50 -13.31 10.01
N TYR D 114 -4.51 -12.56 10.54
CA TYR D 114 -3.09 -12.86 10.29
C TYR D 114 -2.60 -13.97 11.22
N LEU D 115 -3.04 -13.88 12.47
CA LEU D 115 -2.71 -14.89 13.46
C LEU D 115 -3.42 -16.18 13.10
N ASP D 116 -4.45 -16.08 12.27
CA ASP D 116 -5.17 -17.26 11.83
C ASP D 116 -4.36 -18.00 10.78
N ILE D 117 -3.89 -17.28 9.76
CA ILE D 117 -3.24 -17.95 8.63
C ILE D 117 -1.84 -18.40 9.02
N THR D 118 -1.35 -17.92 10.15
CA THR D 118 -0.10 -18.45 10.72
C THR D 118 -0.31 -19.80 11.47
N LEU D 119 -1.43 -19.95 12.14
CA LEU D 119 -1.78 -21.24 12.73
C LEU D 119 -2.41 -22.19 11.72
N ASN D 120 -2.59 -21.74 10.48
CA ASN D 120 -3.54 -22.40 9.60
C ASN D 120 -3.31 -23.89 9.67
N ASP D 121 -4.40 -24.67 9.68
CA ASP D 121 -4.33 -26.12 9.86
C ASP D 121 -4.43 -26.53 11.34
N VAL D 122 -4.36 -25.57 12.26
CA VAL D 122 -4.45 -25.90 13.69
C VAL D 122 -4.95 -24.75 14.57
N THR D 123 -5.79 -25.10 15.54
CA THR D 123 -6.39 -24.14 16.47
C THR D 123 -5.64 -24.01 17.80
N VAL D 124 -5.58 -22.79 18.31
CA VAL D 124 -5.12 -22.55 19.67
C VAL D 124 -6.33 -22.09 20.46
N THR D 125 -6.41 -22.51 21.70
CA THR D 125 -7.54 -22.11 22.53
C THR D 125 -7.06 -22.03 23.96
N CYS D 126 -7.89 -21.53 24.87
CA CYS D 126 -7.53 -21.52 26.28
C CYS D 126 -8.69 -21.85 27.20
N GLU D 127 -8.50 -22.87 28.03
CA GLU D 127 -9.25 -22.99 29.28
C GLU D 127 -8.25 -22.85 30.41
N LYS D 128 -8.28 -21.71 31.09
CA LYS D 128 -7.23 -21.33 32.01
C LYS D 128 -7.02 -22.51 32.94
N ASP D 129 -5.79 -22.73 33.43
CA ASP D 129 -4.59 -21.97 33.05
C ASP D 129 -3.95 -22.55 31.80
N MET D 130 -4.39 -23.77 31.45
CA MET D 130 -3.83 -24.50 30.33
C MET D 130 -4.31 -23.90 29.03
N ILE D 131 -3.54 -24.14 27.99
CA ILE D 131 -3.82 -23.58 26.68
C ILE D 131 -3.63 -24.66 25.65
N LEU D 132 -4.70 -25.02 24.95
CA LEU D 132 -4.68 -26.20 24.10
C LEU D 132 -4.36 -25.89 22.66
N LEU D 133 -3.53 -26.75 22.09
CA LEU D 133 -3.17 -26.74 20.70
C LEU D 133 -3.81 -27.98 20.13
N ARG D 134 -4.59 -27.82 19.07
CA ARG D 134 -5.40 -28.91 18.60
C ARG D 134 -5.45 -28.91 17.05
N LYS D 135 -4.98 -29.99 16.44
CA LYS D 135 -5.35 -30.31 15.07
C LYS D 135 -6.25 -31.56 15.21
N GLY D 136 -7.19 -31.77 14.30
CA GLY D 136 -8.35 -32.56 14.67
C GLY D 136 -8.05 -33.84 15.44
N SER D 137 -8.78 -33.99 16.54
CA SER D 137 -8.70 -35.15 17.43
C SER D 137 -7.32 -35.41 18.04
N PHE D 138 -6.46 -34.40 18.03
CA PHE D 138 -5.16 -34.45 18.71
C PHE D 138 -5.05 -33.24 19.61
N THR D 139 -4.68 -33.46 20.87
CA THR D 139 -4.66 -32.39 21.84
C THR D 139 -3.31 -32.32 22.54
N ALA D 140 -2.52 -31.29 22.27
CA ALA D 140 -1.34 -31.03 23.10
C ALA D 140 -1.62 -29.91 24.12
N SER D 141 -1.87 -30.32 25.35
CA SER D 141 -2.25 -29.42 26.44
C SER D 141 -1.04 -28.92 27.19
N PHE D 142 -0.80 -27.61 27.14
CA PHE D 142 0.29 -27.00 27.90
C PHE D 142 -0.22 -26.20 29.07
N ARG D 143 -0.01 -26.72 30.27
CA ARG D 143 -0.28 -25.99 31.49
C ARG D 143 0.99 -25.25 31.90
N ILE D 144 0.87 -23.96 32.13
CA ILE D 144 2.04 -23.14 32.42
C ILE D 144 1.80 -22.25 33.62
N ALA D 145 2.83 -22.13 34.44
CA ALA D 145 2.80 -21.28 35.63
C ALA D 145 3.84 -20.17 35.51
N VAL D 146 3.41 -18.93 35.78
CA VAL D 146 4.27 -17.75 35.67
C VAL D 146 4.27 -16.96 36.98
N GLU D 147 5.47 -16.75 37.53
CA GLU D 147 5.64 -15.87 38.68
C GLU D 147 6.38 -14.65 38.18
N ASN D 148 5.71 -13.51 38.26
CA ASN D 148 6.03 -12.38 37.42
C ASN D 148 7.52 -12.05 37.41
N GLU D 149 8.06 -11.74 36.23
CA GLU D 149 7.38 -11.84 34.92
C GLU D 149 7.80 -13.13 34.28
N SER D 150 8.54 -13.94 35.03
CA SER D 150 9.24 -15.07 34.47
C SER D 150 8.46 -16.39 34.62
N ILE D 151 8.51 -17.21 33.58
CA ILE D 151 7.97 -18.58 33.67
C ILE D 151 8.76 -19.36 34.72
N ARG D 152 8.12 -20.35 35.33
CA ARG D 152 8.77 -21.22 36.31
C ARG D 152 8.57 -22.66 35.95
N SER D 153 7.31 -23.07 35.88
CA SER D 153 6.96 -24.46 35.72
C SER D 153 6.12 -24.69 34.46
N MET D 154 6.59 -25.60 33.62
CA MET D 154 5.80 -26.06 32.47
C MET D 154 5.60 -27.56 32.52
N ALA D 155 4.43 -27.97 32.02
CA ALA D 155 4.02 -29.36 32.03
C ALA D 155 3.23 -29.65 30.77
N ILE D 156 3.08 -30.93 30.42
CA ILE D 156 2.50 -31.31 29.13
C ILE D 156 1.76 -32.65 29.10
N ASP D 157 0.77 -32.74 28.22
CA ASP D 157 0.08 -33.99 27.97
C ASP D 157 -0.28 -34.05 26.49
N LEU D 158 -0.15 -35.21 25.88
CA LEU D 158 -0.55 -35.43 24.47
C LEU D 158 -1.47 -36.61 24.35
N ASN D 159 -1.92 -36.92 23.12
CA ASN D 159 -2.48 -38.26 22.86
C ASN D 159 -1.85 -38.90 21.64
N ALA D 160 -1.50 -40.17 21.79
CA ALA D 160 -1.05 -41.01 20.69
C ALA D 160 0.28 -40.60 20.14
N PHE D 161 0.68 -39.35 20.38
CA PHE D 161 1.91 -38.86 19.82
C PHE D 161 3.06 -38.82 20.80
N GLU D 162 2.83 -39.31 22.02
CA GLU D 162 3.88 -39.34 23.03
C GLU D 162 5.18 -39.88 22.43
N VAL D 163 5.10 -41.02 21.74
CA VAL D 163 6.32 -41.70 21.29
C VAL D 163 7.03 -40.99 20.17
N GLU D 164 6.29 -40.60 19.13
CA GLU D 164 6.87 -39.99 17.94
C GLU D 164 7.58 -38.69 18.32
N LEU D 165 6.93 -37.91 19.17
CA LEU D 165 7.45 -36.64 19.64
C LEU D 165 8.36 -36.73 20.87
N GLN D 166 8.38 -37.86 21.56
CA GLN D 166 8.99 -37.94 22.90
C GLN D 166 10.31 -37.19 23.05
N PRO D 167 11.30 -37.47 22.18
CA PRO D 167 12.67 -36.96 22.37
C PRO D 167 12.79 -35.45 22.50
N ILE D 168 12.10 -34.70 21.64
CA ILE D 168 12.14 -33.24 21.67
C ILE D 168 11.46 -32.67 22.92
N ILE D 169 10.43 -33.33 23.44
CA ILE D 169 9.77 -32.79 24.64
C ILE D 169 10.43 -33.31 25.91
N GLN D 170 11.25 -34.34 25.79
CA GLN D 170 12.07 -34.66 26.93
C GLN D 170 12.78 -33.35 27.19
N TYR D 171 13.48 -32.84 26.18
CA TYR D 171 14.16 -31.55 26.32
C TYR D 171 13.21 -30.43 26.74
N ALA D 172 12.17 -30.18 25.95
CA ALA D 172 11.31 -29.03 26.23
C ALA D 172 10.89 -28.98 27.71
N GLU D 173 10.08 -29.94 28.13
CA GLU D 173 9.52 -29.94 29.49
C GLU D 173 10.61 -30.02 30.55
N ASP D 174 11.83 -30.42 30.13
CA ASP D 174 13.01 -30.54 31.03
C ASP D 174 13.77 -29.24 31.31
N THR D 175 13.79 -28.33 30.33
CA THR D 175 14.30 -26.98 30.49
C THR D 175 13.22 -26.07 31.01
N GLN D 176 11.99 -26.55 30.86
CA GLN D 176 10.83 -25.71 30.99
C GLN D 176 10.89 -24.66 29.88
N ASN D 177 11.26 -25.12 28.68
CA ASN D 177 11.36 -24.28 27.49
C ASN D 177 10.12 -24.42 26.64
N VAL D 178 9.35 -23.34 26.58
CA VAL D 178 7.99 -23.40 26.05
C VAL D 178 7.94 -23.37 24.53
N ASN D 179 8.46 -22.31 23.92
CA ASN D 179 8.34 -22.22 22.46
C ASN D 179 8.97 -23.44 21.78
N VAL D 180 10.02 -24.01 22.36
CA VAL D 180 10.60 -25.18 21.73
C VAL D 180 9.52 -26.26 21.70
N ALA D 181 8.80 -26.43 22.80
CA ALA D 181 7.67 -27.36 22.82
C ALA D 181 6.72 -27.05 21.68
N MET D 182 6.02 -25.93 21.75
CA MET D 182 5.06 -25.58 20.70
C MET D 182 5.61 -25.75 19.28
N MET D 183 6.54 -24.89 18.86
CA MET D 183 7.05 -24.94 17.49
C MET D 183 7.46 -26.33 16.99
N ALA D 184 7.80 -27.23 17.92
CA ALA D 184 8.07 -28.63 17.55
C ALA D 184 6.80 -29.48 17.35
N VAL D 185 5.75 -29.22 18.13
CA VAL D 185 4.48 -29.92 17.96
C VAL D 185 3.83 -29.38 16.69
N VAL D 186 4.15 -28.16 16.29
CA VAL D 186 3.55 -27.59 15.09
C VAL D 186 4.22 -28.23 13.88
N GLN D 187 5.55 -28.28 13.93
CA GLN D 187 6.31 -28.78 12.81
C GLN D 187 6.26 -30.30 12.74
N PHE D 188 5.82 -30.96 13.80
CA PHE D 188 5.64 -32.41 13.71
C PHE D 188 4.36 -32.71 12.96
N LEU D 189 3.33 -31.93 13.23
CA LEU D 189 2.06 -32.13 12.55
C LEU D 189 2.26 -31.85 11.08
N ARG D 190 3.19 -30.95 10.76
CA ARG D 190 3.46 -30.57 9.37
C ARG D 190 4.30 -31.60 8.64
N ILE D 191 5.21 -32.26 9.36
CA ILE D 191 6.04 -33.30 8.75
C ILE D 191 5.18 -34.56 8.59
N LYS D 192 4.11 -34.67 9.40
CA LYS D 192 3.21 -35.83 9.35
C LYS D 192 2.23 -35.66 8.21
N GLU D 193 1.83 -34.42 7.91
CA GLU D 193 0.91 -34.19 6.81
C GLU D 193 1.72 -34.31 5.53
N LEU D 194 3.01 -33.97 5.61
CA LEU D 194 3.85 -33.99 4.43
C LEU D 194 4.04 -35.46 4.02
N HIS D 195 4.36 -36.31 4.98
CA HIS D 195 4.58 -37.72 4.70
C HIS D 195 3.32 -38.39 4.20
N GLU D 196 2.17 -37.98 4.72
CA GLU D 196 0.92 -38.68 4.43
C GLU D 196 0.45 -38.34 3.04
N GLN D 197 0.81 -37.15 2.58
CA GLN D 197 0.46 -36.74 1.22
C GLN D 197 1.59 -37.12 0.26
N MET D 198 2.75 -37.42 0.79
CA MET D 198 3.82 -37.97 -0.04
C MET D 198 3.72 -39.48 -0.23
N ILE D 199 3.05 -40.14 0.71
CA ILE D 199 2.84 -41.57 0.61
C ILE D 199 1.63 -41.82 -0.28
N SER D 200 0.67 -40.91 -0.23
CA SER D 200 -0.44 -40.96 -1.15
C SER D 200 0.11 -40.83 -2.57
N LYS D 201 0.93 -39.80 -2.79
CA LYS D 201 1.48 -39.49 -4.12
C LYS D 201 2.33 -40.66 -4.68
N ILE D 202 2.92 -41.45 -3.78
CA ILE D 202 3.68 -42.64 -4.19
C ILE D 202 2.82 -43.88 -4.50
N VAL D 203 1.72 -44.08 -3.77
CA VAL D 203 0.94 -45.32 -3.86
C VAL D 203 0.07 -45.35 -5.12
N GLU D 204 -0.47 -44.18 -5.47
CA GLU D 204 -1.31 -44.03 -6.66
C GLU D 204 -0.44 -43.84 -7.89
N ALA D 205 0.83 -43.54 -7.67
CA ALA D 205 1.79 -43.33 -8.74
C ALA D 205 2.59 -44.59 -9.09
N SER D 206 2.29 -45.71 -8.44
CA SER D 206 3.01 -46.96 -8.71
C SER D 206 2.31 -48.15 -8.06
N LYS D 207 2.96 -49.31 -8.11
CA LYS D 207 2.42 -50.47 -7.42
C LYS D 207 3.01 -50.43 -6.02
N PHE D 208 2.17 -50.08 -5.06
CA PHE D 208 2.55 -50.01 -3.66
C PHE D 208 1.23 -50.04 -2.92
N ILE D 209 1.29 -50.32 -1.63
CA ILE D 209 0.10 -50.35 -0.79
C ILE D 209 0.50 -49.74 0.54
N ARG D 210 -0.45 -49.46 1.42
CA ARG D 210 -0.09 -48.84 2.66
C ARG D 210 -0.44 -49.63 3.94
N ALA D 211 0.43 -49.49 4.94
CA ALA D 211 0.11 -49.85 6.33
C ALA D 211 0.49 -48.69 7.30
N SER D 212 -0.54 -48.11 7.94
CA SER D 212 -0.47 -46.89 8.76
C SER D 212 0.06 -45.59 8.09
N ASN D 213 0.65 -44.70 8.87
CA ASN D 213 1.39 -43.61 8.29
C ASN D 213 2.76 -44.16 7.98
N ASN D 214 3.29 -44.92 8.94
CA ASN D 214 4.68 -45.33 8.90
C ASN D 214 5.03 -45.94 7.57
N THR D 215 4.31 -47.00 7.22
CA THR D 215 4.84 -47.98 6.28
C THR D 215 4.04 -48.18 5.01
N ILE D 216 4.74 -48.50 3.92
CA ILE D 216 4.15 -48.92 2.67
C ILE D 216 4.81 -50.23 2.34
N THR D 217 4.20 -51.03 1.48
CA THR D 217 4.81 -52.30 1.12
C THR D 217 4.56 -52.65 -0.32
N LEU D 218 5.60 -53.23 -0.94
CA LEU D 218 5.47 -53.85 -2.24
C LEU D 218 6.04 -55.25 -2.16
N ASN D 219 5.19 -56.26 -2.26
CA ASN D 219 5.68 -57.63 -2.17
C ASN D 219 6.47 -57.89 -0.88
N ASP D 220 7.76 -58.15 -1.02
CA ASP D 220 8.63 -58.51 0.09
C ASP D 220 9.25 -57.27 0.77
N LEU D 221 8.91 -56.09 0.27
CA LEU D 221 9.59 -54.85 0.63
C LEU D 221 8.75 -53.94 1.54
N GLU D 222 9.39 -53.38 2.57
CA GLU D 222 8.70 -52.50 3.53
C GLU D 222 9.47 -51.20 3.76
N VAL D 223 8.87 -50.07 3.37
CA VAL D 223 9.47 -48.76 3.51
C VAL D 223 8.78 -47.94 4.60
N SER D 224 9.50 -47.58 5.67
CA SER D 224 8.94 -46.71 6.73
C SER D 224 9.24 -45.19 6.58
N PHE D 225 8.27 -44.37 7.00
CA PHE D 225 8.37 -42.92 6.94
C PHE D 225 8.21 -42.36 8.34
N HIS D 226 9.21 -41.63 8.82
CA HIS D 226 9.04 -40.96 10.09
C HIS D 226 10.24 -40.09 10.49
N CYS D 227 10.00 -39.21 11.45
CA CYS D 227 10.84 -38.06 11.79
C CYS D 227 11.84 -38.29 12.90
N TYR D 228 13.01 -37.65 12.81
CA TYR D 228 13.97 -37.67 13.91
C TYR D 228 14.36 -36.24 14.24
N TRP D 229 15.00 -36.02 15.38
CA TRP D 229 15.26 -34.67 15.90
C TRP D 229 16.73 -34.50 16.19
N ASN D 230 17.28 -33.34 15.88
CA ASN D 230 18.62 -33.05 16.36
C ASN D 230 18.39 -32.31 17.65
N LEU D 231 18.59 -32.97 18.79
CA LEU D 231 17.79 -32.69 19.99
C LEU D 231 17.54 -31.22 20.34
N PRO D 232 18.55 -30.33 20.20
CA PRO D 232 18.23 -28.96 20.59
C PRO D 232 17.04 -28.30 19.85
N SER D 233 17.00 -28.29 18.52
CA SER D 233 16.04 -27.44 17.77
C SER D 233 14.74 -28.15 17.31
N PRO D 234 13.57 -27.52 17.52
CA PRO D 234 12.22 -28.03 17.32
C PRO D 234 11.90 -28.48 15.89
N TYR D 235 12.78 -28.22 14.94
CA TYR D 235 12.54 -28.62 13.54
C TYR D 235 12.99 -30.01 13.17
N PRO D 236 12.03 -30.94 12.97
CA PRO D 236 12.31 -32.32 12.61
C PRO D 236 12.76 -32.42 11.19
N GLU D 237 13.63 -33.37 10.94
CA GLU D 237 14.09 -33.67 9.60
C GLU D 237 13.57 -35.06 9.31
N THR D 238 13.49 -35.43 8.03
CA THR D 238 12.81 -36.66 7.68
C THR D 238 13.75 -37.85 7.59
N LEU D 239 13.23 -39.01 7.99
CA LEU D 239 13.98 -40.24 7.87
C LEU D 239 13.18 -41.36 7.18
N ILE D 240 13.63 -41.69 5.97
CA ILE D 240 13.02 -42.73 5.16
C ILE D 240 13.86 -43.98 5.27
N LEU D 241 13.30 -44.99 5.95
CA LEU D 241 13.96 -46.27 6.11
C LEU D 241 13.22 -47.35 5.37
N THR D 242 13.82 -48.54 5.37
CA THR D 242 13.21 -49.73 4.79
C THR D 242 13.93 -50.91 5.39
N ASN D 243 13.36 -52.11 5.26
CA ASN D 243 14.19 -53.29 5.47
C ASN D 243 15.27 -53.19 4.41
N LYS D 244 16.42 -53.82 4.65
CA LYS D 244 17.60 -53.50 3.86
C LYS D 244 17.22 -53.81 2.42
N VAL D 245 18.08 -53.45 1.47
CA VAL D 245 19.27 -52.64 1.72
C VAL D 245 18.94 -51.17 1.91
N GLN D 246 19.77 -50.48 2.67
CA GLN D 246 19.51 -49.09 3.01
C GLN D 246 20.38 -48.28 2.09
N LYS D 247 21.68 -48.54 2.13
CA LYS D 247 22.64 -47.69 1.45
C LYS D 247 22.20 -47.41 0.00
N ILE D 248 21.35 -48.29 -0.57
CA ILE D 248 20.72 -48.07 -1.89
C ILE D 248 19.57 -47.08 -1.90
N LEU D 249 18.60 -47.27 -1.01
CA LEU D 249 17.49 -46.33 -0.92
C LEU D 249 18.07 -44.94 -0.60
N ASP D 250 18.83 -44.84 0.49
CA ASP D 250 19.36 -43.58 0.99
C ASP D 250 20.08 -42.77 -0.08
N PHE D 251 20.63 -43.46 -1.06
CA PHE D 251 21.16 -42.80 -2.26
C PHE D 251 20.09 -42.44 -3.31
N LEU D 252 19.18 -43.36 -3.63
CA LEU D 252 18.19 -43.08 -4.68
C LEU D 252 17.26 -41.90 -4.31
N ILE D 253 17.01 -41.69 -3.04
CA ILE D 253 16.23 -40.54 -2.61
C ILE D 253 17.05 -39.24 -2.67
N TYR D 254 18.36 -39.32 -2.42
CA TYR D 254 19.25 -38.17 -2.54
C TYR D 254 19.29 -37.60 -3.97
N GLN D 255 19.69 -38.44 -4.92
CA GLN D 255 19.83 -38.08 -6.33
C GLN D 255 18.47 -37.79 -6.99
N TYR D 256 17.56 -38.77 -6.92
CA TYR D 256 16.26 -38.72 -7.62
C TYR D 256 15.12 -38.11 -6.80
N GLY D 257 15.39 -37.77 -5.55
CA GLY D 257 14.43 -37.04 -4.73
C GLY D 257 13.43 -37.98 -4.11
N ILE D 258 12.99 -37.64 -2.92
CA ILE D 258 12.21 -38.53 -2.05
C ILE D 258 11.07 -39.37 -2.70
N GLN D 259 10.32 -38.82 -3.66
CA GLN D 259 9.29 -39.63 -4.31
C GLN D 259 9.84 -40.55 -5.42
N LEU D 260 10.66 -40.03 -6.32
CA LEU D 260 11.08 -40.81 -7.48
C LEU D 260 12.15 -41.82 -7.13
N GLY D 261 12.84 -41.59 -6.03
CA GLY D 261 13.85 -42.52 -5.56
C GLY D 261 13.24 -43.76 -4.96
N VAL D 262 12.27 -43.57 -4.05
CA VAL D 262 11.53 -44.67 -3.41
C VAL D 262 10.51 -45.34 -4.34
N ILE D 263 10.33 -44.77 -5.53
CA ILE D 263 9.61 -45.46 -6.59
C ILE D 263 10.58 -46.43 -7.27
N LYS D 264 11.81 -45.96 -7.50
CA LYS D 264 12.80 -46.73 -8.27
C LYS D 264 13.49 -47.83 -7.45
N TYR D 265 13.53 -47.68 -6.13
CA TYR D 265 14.05 -48.72 -5.23
C TYR D 265 13.02 -49.84 -5.07
N GLY D 266 11.82 -49.63 -5.62
CA GLY D 266 10.79 -50.64 -5.70
C GLY D 266 10.69 -51.27 -7.08
N SER D 267 11.81 -51.23 -7.80
CA SER D 267 11.92 -51.90 -9.09
C SER D 267 13.17 -52.76 -9.12
N THR D 268 14.33 -52.13 -8.94
CA THR D 268 15.60 -52.84 -8.88
C THR D 268 15.53 -53.88 -7.78
N ILE D 269 15.38 -53.41 -6.55
CA ILE D 269 15.32 -54.28 -5.36
C ILE D 269 13.88 -54.42 -4.86
CA CA E . 1.31 5.55 3.61
CA CA F . -0.88 -5.79 -4.17
CA CA G . 16.51 -30.55 33.73
#